data_2MZ6
# 
_entry.id   2MZ6 
# 
_audit_conform.dict_name       mmcif_pdbx.dic 
_audit_conform.dict_version    5.397 
_audit_conform.dict_location   http://mmcif.pdb.org/dictionaries/ascii/mmcif_pdbx.dic 
# 
loop_
_database_2.database_code 
_database_2.database_id 
_database_2.pdbx_database_accession 
_database_2.pdbx_DOI 
RCSB104219   RCSB  ?            ?                   
2MZ6         PDB   pdb_00002mz6 10.2210/pdb2mz6/pdb 
25474        BMRB  ?            10.13018/BMR25474   
D_1000104219 WWPDB ?            ?                   
# 
loop_
_pdbx_audit_revision_history.ordinal 
_pdbx_audit_revision_history.data_content_type 
_pdbx_audit_revision_history.major_revision 
_pdbx_audit_revision_history.minor_revision 
_pdbx_audit_revision_history.revision_date 
1 'Structure model' 1 0 2015-03-25 
2 'Structure model' 1 1 2015-04-01 
3 'Structure model' 1 2 2015-05-27 
4 'Structure model' 1 3 2023-06-14 
5 'Structure model' 1 4 2024-10-30 
# 
_pdbx_audit_revision_details.ordinal             1 
_pdbx_audit_revision_details.revision_ordinal    1 
_pdbx_audit_revision_details.data_content_type   'Structure model' 
_pdbx_audit_revision_details.provider            repository 
_pdbx_audit_revision_details.type                'Initial release' 
_pdbx_audit_revision_details.description         ? 
_pdbx_audit_revision_details.details             ? 
# 
loop_
_pdbx_audit_revision_group.ordinal 
_pdbx_audit_revision_group.revision_ordinal 
_pdbx_audit_revision_group.data_content_type 
_pdbx_audit_revision_group.group 
1 2 'Structure model' 'Database references' 
2 3 'Structure model' 'Database references' 
3 4 'Structure model' 'Data collection'     
4 4 'Structure model' 'Database references' 
5 4 'Structure model' Other                 
6 5 'Structure model' 'Data collection'     
7 5 'Structure model' 'Database references' 
8 5 'Structure model' 'Structure summary'   
# 
loop_
_pdbx_audit_revision_category.ordinal 
_pdbx_audit_revision_category.revision_ordinal 
_pdbx_audit_revision_category.data_content_type 
_pdbx_audit_revision_category.category 
1 4 'Structure model' database_2                
2 4 'Structure model' pdbx_database_status      
3 4 'Structure model' pdbx_nmr_software         
4 4 'Structure model' pdbx_nmr_spectrometer     
5 5 'Structure model' chem_comp_atom            
6 5 'Structure model' chem_comp_bond            
7 5 'Structure model' database_2                
8 5 'Structure model' pdbx_entry_details        
9 5 'Structure model' pdbx_modification_feature 
# 
loop_
_pdbx_audit_revision_item.ordinal 
_pdbx_audit_revision_item.revision_ordinal 
_pdbx_audit_revision_item.data_content_type 
_pdbx_audit_revision_item.item 
1 4 'Structure model' '_database_2.pdbx_DOI'                       
2 4 'Structure model' '_database_2.pdbx_database_accession'        
3 4 'Structure model' '_pdbx_database_status.status_code_nmr_data' 
4 4 'Structure model' '_pdbx_nmr_software.name'                    
5 4 'Structure model' '_pdbx_nmr_spectrometer.model'               
6 5 'Structure model' '_database_2.pdbx_DOI'                       
# 
_pdbx_database_status.deposit_site                    BMRB 
_pdbx_database_status.entry_id                        2MZ6 
_pdbx_database_status.process_site                    RCSB 
_pdbx_database_status.recvd_initial_deposition_date   2015-02-06 
_pdbx_database_status.SG_entry                        ? 
_pdbx_database_status.status_code                     REL 
_pdbx_database_status.status_code_mr                  REL 
_pdbx_database_status.status_code_sf                  ? 
_pdbx_database_status.status_code_cs                  REL 
_pdbx_database_status.methods_development_category    ? 
_pdbx_database_status.pdb_format_compatible           Y 
_pdbx_database_status.status_code_nmr_data            REL 
# 
loop_
_pdbx_database_related.content_type 
_pdbx_database_related.db_id 
_pdbx_database_related.db_name 
_pdbx_database_related.details 
unspecified 25474 BMRB . 
unspecified 2MZ5  PDB  . 
# 
loop_
_audit_author.name 
_audit_author.pdbx_ordinal 
'Usachev, K.S.'   1 
'Efimov, S.V.'    2 
'Kolosova, O.A.'  3 
'Klochkova, E.A.' 4 
'Aganov, A.V.'    5 
'Klochkov, V.V.'  6 
# 
_citation.id                        primary 
_citation.title                     
'Antimicrobial peptide protegrin-3 adopt an antiparallel dimer in the presence of DPC micelles: a high-resolution NMR study.' 
_citation.journal_abbrev            J.Biomol.Nmr 
_citation.journal_volume            62 
_citation.page_first                71 
_citation.page_last                 79 
_citation.year                      2015 
_citation.journal_id_ASTM           JBNME9 
_citation.country                   NE 
_citation.journal_id_ISSN           0925-2738 
_citation.journal_id_CSD            0800 
_citation.book_publisher            ? 
_citation.pdbx_database_id_PubMed   25786621 
_citation.pdbx_database_id_DOI      10.1007/s10858-015-9920-0 
# 
loop_
_citation_author.citation_id 
_citation_author.name 
_citation_author.ordinal 
_citation_author.identifier_ORCID 
primary 'Usachev, K.S.'   1 ? 
primary 'Efimov, S.V.'    2 ? 
primary 'Kolosova, O.A.'  3 ? 
primary 'Klochkova, E.A.' 4 ? 
primary 'Aganov, A.V.'    5 ? 
primary 'Klochkov, V.V.'  6 ? 
# 
_entity.id                         1 
_entity.type                       polymer 
_entity.src_method                 syn 
_entity.pdbx_description           Protegrin-3 
_entity.formula_weight             2066.530 
_entity.pdbx_number_of_molecules   2 
_entity.pdbx_ec                    ? 
_entity.pdbx_mutation              ? 
_entity.pdbx_fragment              'UNP residues 131-148' 
_entity.details                    ? 
# 
_entity_name_com.entity_id   1 
_entity_name_com.name        PG-3 
# 
_entity_poly.entity_id                      1 
_entity_poly.type                           'polypeptide(L)' 
_entity_poly.nstd_linkage                   no 
_entity_poly.nstd_monomer                   no 
_entity_poly.pdbx_seq_one_letter_code       RGGGLCYCRRRFCVCVGR 
_entity_poly.pdbx_seq_one_letter_code_can   RGGGLCYCRRRFCVCVGR 
_entity_poly.pdbx_strand_id                 A,B 
_entity_poly.pdbx_target_identifier         ? 
# 
loop_
_entity_poly_seq.entity_id 
_entity_poly_seq.num 
_entity_poly_seq.mon_id 
_entity_poly_seq.hetero 
1 1  ARG n 
1 2  GLY n 
1 3  GLY n 
1 4  GLY n 
1 5  LEU n 
1 6  CYS n 
1 7  TYR n 
1 8  CYS n 
1 9  ARG n 
1 10 ARG n 
1 11 ARG n 
1 12 PHE n 
1 13 CYS n 
1 14 VAL n 
1 15 CYS n 
1 16 VAL n 
1 17 GLY n 
1 18 ARG n 
# 
_pdbx_entity_src_syn.entity_id              1 
_pdbx_entity_src_syn.pdbx_src_id            1 
_pdbx_entity_src_syn.pdbx_alt_source_flag   sample 
_pdbx_entity_src_syn.pdbx_beg_seq_num       ? 
_pdbx_entity_src_syn.pdbx_end_seq_num       ? 
_pdbx_entity_src_syn.organism_scientific    'Sus scrofa' 
_pdbx_entity_src_syn.organism_common_name   'pigs,swine,wild boar' 
_pdbx_entity_src_syn.ncbi_taxonomy_id       9823 
_pdbx_entity_src_syn.details                ? 
# 
loop_
_chem_comp.id 
_chem_comp.type 
_chem_comp.mon_nstd_flag 
_chem_comp.name 
_chem_comp.pdbx_synonyms 
_chem_comp.formula 
_chem_comp.formula_weight 
ARG 'L-peptide linking' y ARGININE      ? 'C6 H15 N4 O2 1' 175.209 
CYS 'L-peptide linking' y CYSTEINE      ? 'C3 H7 N O2 S'   121.158 
GLY 'peptide linking'   y GLYCINE       ? 'C2 H5 N O2'     75.067  
LEU 'L-peptide linking' y LEUCINE       ? 'C6 H13 N O2'    131.173 
PHE 'L-peptide linking' y PHENYLALANINE ? 'C9 H11 N O2'    165.189 
TYR 'L-peptide linking' y TYROSINE      ? 'C9 H11 N O3'    181.189 
VAL 'L-peptide linking' y VALINE        ? 'C5 H11 N O2'    117.146 
# 
loop_
_pdbx_poly_seq_scheme.asym_id 
_pdbx_poly_seq_scheme.entity_id 
_pdbx_poly_seq_scheme.seq_id 
_pdbx_poly_seq_scheme.mon_id 
_pdbx_poly_seq_scheme.ndb_seq_num 
_pdbx_poly_seq_scheme.pdb_seq_num 
_pdbx_poly_seq_scheme.auth_seq_num 
_pdbx_poly_seq_scheme.pdb_mon_id 
_pdbx_poly_seq_scheme.auth_mon_id 
_pdbx_poly_seq_scheme.pdb_strand_id 
_pdbx_poly_seq_scheme.pdb_ins_code 
_pdbx_poly_seq_scheme.hetero 
A 1 1  ARG 1  1  1  ARG ARG A . n 
A 1 2  GLY 2  2  2  GLY GLY A . n 
A 1 3  GLY 3  3  3  GLY GLY A . n 
A 1 4  GLY 4  4  4  GLY GLY A . n 
A 1 5  LEU 5  5  5  LEU LEU A . n 
A 1 6  CYS 6  6  6  CYS CYS A . n 
A 1 7  TYR 7  7  7  TYR TYR A . n 
A 1 8  CYS 8  8  8  CYS CYS A . n 
A 1 9  ARG 9  9  9  ARG ARG A . n 
A 1 10 ARG 10 10 10 ARG ARG A . n 
A 1 11 ARG 11 11 11 ARG ARG A . n 
A 1 12 PHE 12 12 12 PHE PHE A . n 
A 1 13 CYS 13 13 13 CYS CYS A . n 
A 1 14 VAL 14 14 14 VAL VAL A . n 
A 1 15 CYS 15 15 15 CYS CYS A . n 
A 1 16 VAL 16 16 16 VAL VAL A . n 
A 1 17 GLY 17 17 17 GLY GLY A . n 
A 1 18 ARG 18 18 18 ARG ARG A . n 
B 1 1  ARG 1  1  1  ARG ARG B . n 
B 1 2  GLY 2  2  2  GLY GLY B . n 
B 1 3  GLY 3  3  3  GLY GLY B . n 
B 1 4  GLY 4  4  4  GLY GLY B . n 
B 1 5  LEU 5  5  5  LEU LEU B . n 
B 1 6  CYS 6  6  6  CYS CYS B . n 
B 1 7  TYR 7  7  7  TYR TYR B . n 
B 1 8  CYS 8  8  8  CYS CYS B . n 
B 1 9  ARG 9  9  9  ARG ARG B . n 
B 1 10 ARG 10 10 10 ARG ARG B . n 
B 1 11 ARG 11 11 11 ARG ARG B . n 
B 1 12 PHE 12 12 12 PHE PHE B . n 
B 1 13 CYS 13 13 13 CYS CYS B . n 
B 1 14 VAL 14 14 14 VAL VAL B . n 
B 1 15 CYS 15 15 15 CYS CYS B . n 
B 1 16 VAL 16 16 16 VAL VAL B . n 
B 1 17 GLY 17 17 17 GLY GLY B . n 
B 1 18 ARG 18 18 18 ARG ARG B . n 
# 
_exptl.absorpt_coefficient_mu     ? 
_exptl.absorpt_correction_T_max   ? 
_exptl.absorpt_correction_T_min   ? 
_exptl.absorpt_correction_type    ? 
_exptl.absorpt_process_details    ? 
_exptl.crystals_number            ? 
_exptl.details                    ? 
_exptl.entry_id                   2MZ6 
_exptl.method                     'SOLUTION NMR' 
_exptl.method_details             ? 
# 
_struct.entry_id                  2MZ6 
_struct.title                     'NMR structure of Protegrin-3 (PG3) in the presence of DPC micelles' 
_struct.pdbx_model_details        ? 
_struct.pdbx_CASP_flag            ? 
_struct.pdbx_model_type_details   ? 
# 
_struct_keywords.entry_id        2MZ6 
_struct_keywords.pdbx_keywords   'ANTIMICROBIAL PROTEIN' 
_struct_keywords.text            'Protegrin, antimicrobial protein, DPC micelle, dimer' 
# 
loop_
_struct_asym.id 
_struct_asym.pdbx_blank_PDB_chainid_flag 
_struct_asym.pdbx_modified 
_struct_asym.entity_id 
_struct_asym.details 
A N N 1 ? 
B N N 1 ? 
# 
_struct_ref.id                         1 
_struct_ref.db_name                    UNP 
_struct_ref.db_code                    PG3_PIG 
_struct_ref.pdbx_db_accession          P32196 
_struct_ref.entity_id                  1 
_struct_ref.pdbx_seq_one_letter_code   RGGGLCYCRRRFCVCVGR 
_struct_ref.pdbx_align_begin           131 
_struct_ref.pdbx_db_isoform            ? 
# 
loop_
_struct_ref_seq.align_id 
_struct_ref_seq.ref_id 
_struct_ref_seq.pdbx_PDB_id_code 
_struct_ref_seq.pdbx_strand_id 
_struct_ref_seq.seq_align_beg 
_struct_ref_seq.pdbx_seq_align_beg_ins_code 
_struct_ref_seq.seq_align_end 
_struct_ref_seq.pdbx_seq_align_end_ins_code 
_struct_ref_seq.pdbx_db_accession 
_struct_ref_seq.db_align_beg 
_struct_ref_seq.pdbx_db_align_beg_ins_code 
_struct_ref_seq.db_align_end 
_struct_ref_seq.pdbx_db_align_end_ins_code 
_struct_ref_seq.pdbx_auth_seq_align_beg 
_struct_ref_seq.pdbx_auth_seq_align_end 
1 1 2MZ6 A 1 ? 18 ? P32196 131 ? 148 ? 1 18 
2 1 2MZ6 B 1 ? 18 ? P32196 131 ? 148 ? 1 18 
# 
_pdbx_struct_assembly.id                   1 
_pdbx_struct_assembly.details              author_and_software_defined_assembly 
_pdbx_struct_assembly.method_details       PISA 
_pdbx_struct_assembly.oligomeric_details   dimeric 
_pdbx_struct_assembly.oligomeric_count     2 
# 
loop_
_pdbx_struct_assembly_prop.biol_id 
_pdbx_struct_assembly_prop.type 
_pdbx_struct_assembly_prop.value 
_pdbx_struct_assembly_prop.details 
1 'ABSA (A^2)' 560  ? 
1 MORE         -1   ? 
1 'SSA (A^2)'  4000 ? 
# 
_pdbx_struct_assembly_gen.assembly_id       1 
_pdbx_struct_assembly_gen.oper_expression   1 
_pdbx_struct_assembly_gen.asym_id_list      A,B 
# 
_pdbx_struct_oper_list.id                   1 
_pdbx_struct_oper_list.type                 'identity operation' 
_pdbx_struct_oper_list.name                 1_555 
_pdbx_struct_oper_list.symmetry_operation   x,y,z 
_pdbx_struct_oper_list.matrix[1][1]         1.0000000000 
_pdbx_struct_oper_list.matrix[1][2]         0.0000000000 
_pdbx_struct_oper_list.matrix[1][3]         0.0000000000 
_pdbx_struct_oper_list.vector[1]            0.0000000000 
_pdbx_struct_oper_list.matrix[2][1]         0.0000000000 
_pdbx_struct_oper_list.matrix[2][2]         1.0000000000 
_pdbx_struct_oper_list.matrix[2][3]         0.0000000000 
_pdbx_struct_oper_list.vector[2]            0.0000000000 
_pdbx_struct_oper_list.matrix[3][1]         0.0000000000 
_pdbx_struct_oper_list.matrix[3][2]         0.0000000000 
_pdbx_struct_oper_list.matrix[3][3]         1.0000000000 
_pdbx_struct_oper_list.vector[3]            0.0000000000 
# 
_struct_biol.id        1 
_struct_biol.details   ? 
# 
loop_
_struct_conn.id 
_struct_conn.conn_type_id 
_struct_conn.pdbx_leaving_atom_flag 
_struct_conn.pdbx_PDB_id 
_struct_conn.ptnr1_label_asym_id 
_struct_conn.ptnr1_label_comp_id 
_struct_conn.ptnr1_label_seq_id 
_struct_conn.ptnr1_label_atom_id 
_struct_conn.pdbx_ptnr1_label_alt_id 
_struct_conn.pdbx_ptnr1_PDB_ins_code 
_struct_conn.pdbx_ptnr1_standard_comp_id 
_struct_conn.ptnr1_symmetry 
_struct_conn.ptnr2_label_asym_id 
_struct_conn.ptnr2_label_comp_id 
_struct_conn.ptnr2_label_seq_id 
_struct_conn.ptnr2_label_atom_id 
_struct_conn.pdbx_ptnr2_label_alt_id 
_struct_conn.pdbx_ptnr2_PDB_ins_code 
_struct_conn.ptnr1_auth_asym_id 
_struct_conn.ptnr1_auth_comp_id 
_struct_conn.ptnr1_auth_seq_id 
_struct_conn.ptnr2_auth_asym_id 
_struct_conn.ptnr2_auth_comp_id 
_struct_conn.ptnr2_auth_seq_id 
_struct_conn.ptnr2_symmetry 
_struct_conn.pdbx_ptnr3_label_atom_id 
_struct_conn.pdbx_ptnr3_label_seq_id 
_struct_conn.pdbx_ptnr3_label_comp_id 
_struct_conn.pdbx_ptnr3_label_asym_id 
_struct_conn.pdbx_ptnr3_label_alt_id 
_struct_conn.pdbx_ptnr3_PDB_ins_code 
_struct_conn.details 
_struct_conn.pdbx_dist_value 
_struct_conn.pdbx_value_order 
_struct_conn.pdbx_role 
disulf1 disulf ? ? A CYS 6 SG ? ? ? 1_555 A CYS 15 SG ? ? A CYS 6 A CYS 15 1_555 ? ? ? ? ? ? ? 2.020 ? ? 
disulf2 disulf ? ? A CYS 8 SG ? ? ? 1_555 A CYS 13 SG ? ? A CYS 8 A CYS 13 1_555 ? ? ? ? ? ? ? 2.020 ? ? 
disulf3 disulf ? ? B CYS 6 SG ? ? ? 1_555 B CYS 15 SG ? ? B CYS 6 B CYS 15 1_555 ? ? ? ? ? ? ? 2.021 ? ? 
disulf4 disulf ? ? B CYS 8 SG ? ? ? 1_555 B CYS 13 SG ? ? B CYS 8 B CYS 13 1_555 ? ? ? ? ? ? ? 2.021 ? ? 
# 
_struct_conn_type.id          disulf 
_struct_conn_type.criteria    ? 
_struct_conn_type.reference   ? 
# 
loop_
_pdbx_modification_feature.ordinal 
_pdbx_modification_feature.label_comp_id 
_pdbx_modification_feature.label_asym_id 
_pdbx_modification_feature.label_seq_id 
_pdbx_modification_feature.label_alt_id 
_pdbx_modification_feature.modified_residue_label_comp_id 
_pdbx_modification_feature.modified_residue_label_asym_id 
_pdbx_modification_feature.modified_residue_label_seq_id 
_pdbx_modification_feature.modified_residue_label_alt_id 
_pdbx_modification_feature.auth_comp_id 
_pdbx_modification_feature.auth_asym_id 
_pdbx_modification_feature.auth_seq_id 
_pdbx_modification_feature.PDB_ins_code 
_pdbx_modification_feature.symmetry 
_pdbx_modification_feature.modified_residue_auth_comp_id 
_pdbx_modification_feature.modified_residue_auth_asym_id 
_pdbx_modification_feature.modified_residue_auth_seq_id 
_pdbx_modification_feature.modified_residue_PDB_ins_code 
_pdbx_modification_feature.modified_residue_symmetry 
_pdbx_modification_feature.comp_id_linking_atom 
_pdbx_modification_feature.modified_residue_id_linking_atom 
_pdbx_modification_feature.modified_residue_id 
_pdbx_modification_feature.ref_pcm_id 
_pdbx_modification_feature.ref_comp_id 
_pdbx_modification_feature.type 
_pdbx_modification_feature.category 
1 CYS A 6 ? CYS A 15 ? CYS A 6 ? 1_555 CYS A 15 ? 1_555 SG SG . . . None 'Disulfide bridge' 
2 CYS A 8 ? CYS A 13 ? CYS A 8 ? 1_555 CYS A 13 ? 1_555 SG SG . . . None 'Disulfide bridge' 
3 CYS B 6 ? CYS B 15 ? CYS B 6 ? 1_555 CYS B 15 ? 1_555 SG SG . . . None 'Disulfide bridge' 
4 CYS B 8 ? CYS B 13 ? CYS B 8 ? 1_555 CYS B 13 ? 1_555 SG SG . . . None 'Disulfide bridge' 
# 
_struct_sheet.id               A 
_struct_sheet.type             ? 
_struct_sheet.number_strands   4 
_struct_sheet.details          ? 
# 
loop_
_struct_sheet_order.sheet_id 
_struct_sheet_order.range_id_1 
_struct_sheet_order.range_id_2 
_struct_sheet_order.offset 
_struct_sheet_order.sense 
A 1 2 ? anti-parallel 
A 2 3 ? anti-parallel 
A 3 4 ? anti-parallel 
# 
loop_
_struct_sheet_range.sheet_id 
_struct_sheet_range.id 
_struct_sheet_range.beg_label_comp_id 
_struct_sheet_range.beg_label_asym_id 
_struct_sheet_range.beg_label_seq_id 
_struct_sheet_range.pdbx_beg_PDB_ins_code 
_struct_sheet_range.end_label_comp_id 
_struct_sheet_range.end_label_asym_id 
_struct_sheet_range.end_label_seq_id 
_struct_sheet_range.pdbx_end_PDB_ins_code 
_struct_sheet_range.beg_auth_comp_id 
_struct_sheet_range.beg_auth_asym_id 
_struct_sheet_range.beg_auth_seq_id 
_struct_sheet_range.end_auth_comp_id 
_struct_sheet_range.end_auth_asym_id 
_struct_sheet_range.end_auth_seq_id 
A 1 LEU A 5  ? ARG A 9  ? LEU A 5  ARG A 9  
A 2 PHE A 12 ? GLY A 17 ? PHE A 12 GLY A 17 
A 3 PHE B 12 ? GLY B 17 ? PHE B 12 GLY B 17 
A 4 GLY B 4  ? ARG B 9  ? GLY B 4  ARG B 9  
# 
loop_
_pdbx_struct_sheet_hbond.sheet_id 
_pdbx_struct_sheet_hbond.range_id_1 
_pdbx_struct_sheet_hbond.range_id_2 
_pdbx_struct_sheet_hbond.range_1_label_atom_id 
_pdbx_struct_sheet_hbond.range_1_label_comp_id 
_pdbx_struct_sheet_hbond.range_1_label_asym_id 
_pdbx_struct_sheet_hbond.range_1_label_seq_id 
_pdbx_struct_sheet_hbond.range_1_PDB_ins_code 
_pdbx_struct_sheet_hbond.range_1_auth_atom_id 
_pdbx_struct_sheet_hbond.range_1_auth_comp_id 
_pdbx_struct_sheet_hbond.range_1_auth_asym_id 
_pdbx_struct_sheet_hbond.range_1_auth_seq_id 
_pdbx_struct_sheet_hbond.range_2_label_atom_id 
_pdbx_struct_sheet_hbond.range_2_label_comp_id 
_pdbx_struct_sheet_hbond.range_2_label_asym_id 
_pdbx_struct_sheet_hbond.range_2_label_seq_id 
_pdbx_struct_sheet_hbond.range_2_PDB_ins_code 
_pdbx_struct_sheet_hbond.range_2_auth_atom_id 
_pdbx_struct_sheet_hbond.range_2_auth_comp_id 
_pdbx_struct_sheet_hbond.range_2_auth_asym_id 
_pdbx_struct_sheet_hbond.range_2_auth_seq_id 
A 1 2 N TYR A 7  ? N TYR A 7  O VAL A 14 ? O VAL A 14 
A 2 3 N CYS A 15 ? N CYS A 15 O CYS B 15 ? O CYS B 15 
A 3 4 O VAL B 14 ? O VAL B 14 N TYR B 7  ? N TYR B 7  
# 
_pdbx_entry_details.entry_id                   2MZ6 
_pdbx_entry_details.compound_details           ? 
_pdbx_entry_details.source_details             ? 
_pdbx_entry_details.nonpolymer_details         ? 
_pdbx_entry_details.sequence_details           ? 
_pdbx_entry_details.has_ligand_of_interest     ? 
_pdbx_entry_details.has_protein_modification   Y 
# 
loop_
_pdbx_validate_torsion.id 
_pdbx_validate_torsion.PDB_model_num 
_pdbx_validate_torsion.auth_comp_id 
_pdbx_validate_torsion.auth_asym_id 
_pdbx_validate_torsion.auth_seq_id 
_pdbx_validate_torsion.PDB_ins_code 
_pdbx_validate_torsion.label_alt_id 
_pdbx_validate_torsion.phi 
_pdbx_validate_torsion.psi 
1 1 ARG A 10 ? ? 52.84   -129.05 
2 1 ARG A 11 ? ? -109.29 47.11   
3 1 ARG B 10 ? ? 52.52   -129.53 
4 1 ARG B 11 ? ? -109.97 41.73   
# 
_pdbx_nmr_ensemble.average_constraint_violations_per_residue     ? 
_pdbx_nmr_ensemble.average_constraints_per_residue               ? 
_pdbx_nmr_ensemble.average_distance_constraint_violation         ? 
_pdbx_nmr_ensemble.average_torsion_angle_constraint_violation    ? 
_pdbx_nmr_ensemble.conformer_selection_criteria                  'back calculated data agree with experimental NOESY spectrum' 
_pdbx_nmr_ensemble.conformers_calculated_total_number            50 
_pdbx_nmr_ensemble.conformers_submitted_total_number             1 
_pdbx_nmr_ensemble.distance_constraint_violation_method          ? 
_pdbx_nmr_ensemble.entry_id                                      2MZ6 
_pdbx_nmr_ensemble.maximum_distance_constraint_violation         ? 
_pdbx_nmr_ensemble.maximum_lower_distance_constraint_violation   ? 
_pdbx_nmr_ensemble.maximum_torsion_angle_constraint_violation    ? 
_pdbx_nmr_ensemble.maximum_upper_distance_constraint_violation   ? 
_pdbx_nmr_ensemble.torsion_angle_constraint_violation_method     ? 
# 
_pdbx_nmr_representative.conformer_id         1 
_pdbx_nmr_representative.entry_id             2MZ6 
_pdbx_nmr_representative.selection_criteria   'fewest violations' 
# 
_pdbx_nmr_sample_details.contents         '3 mg/mL peptide, 20 mg/mL [U-99% 2H] DPC, 0.01 % [U-99% 2H] TSP, 90% H2O/10% D2O' 
_pdbx_nmr_sample_details.solution_id      1 
_pdbx_nmr_sample_details.solvent_system   '90% H2O/10% D2O' 
# 
loop_
_pdbx_nmr_exptl_sample.component 
_pdbx_nmr_exptl_sample.concentration 
_pdbx_nmr_exptl_sample.concentration_range 
_pdbx_nmr_exptl_sample.concentration_units 
_pdbx_nmr_exptl_sample.isotopic_labeling 
_pdbx_nmr_exptl_sample.solution_id 
peptide-1 3    ? mg/mL ?            1 
DPC-2     20   ? mg/mL '[U-99% 2H]' 1 
TSP-3     0.01 ? %     '[U-99% 2H]' 1 
# 
_pdbx_nmr_exptl_sample_conditions.conditions_id       1 
_pdbx_nmr_exptl_sample_conditions.ionic_strength      ? 
_pdbx_nmr_exptl_sample_conditions.pH                  ? 
_pdbx_nmr_exptl_sample_conditions.pressure            ambient 
_pdbx_nmr_exptl_sample_conditions.pressure_units      ? 
_pdbx_nmr_exptl_sample_conditions.temperature         293 
_pdbx_nmr_exptl_sample_conditions.temperature_units   K 
# 
loop_
_pdbx_nmr_exptl.conditions_id 
_pdbx_nmr_exptl.experiment_id 
_pdbx_nmr_exptl.solution_id 
_pdbx_nmr_exptl.type 
1 1 1 '2D DQF-COSY'    
1 2 1 '2D 1H-1H COSY'  
1 3 1 '2D 1H-1H TOCSY' 
1 4 1 '2D 1H-1H NOESY' 
1 5 1 '2D 1H-15N HSQC' 
1 6 1 '2D 1H-13C HSQC' 
# 
_pdbx_nmr_refine.entry_id           2MZ6 
_pdbx_nmr_refine.method             'distance geometry, simulated annealing' 
_pdbx_nmr_refine.details            ? 
_pdbx_nmr_refine.software_ordinal   1 
# 
loop_
_pdbx_nmr_software.authors 
_pdbx_nmr_software.classification 
_pdbx_nmr_software.name 
_pdbx_nmr_software.version 
_pdbx_nmr_software.ordinal 
'Delaglio, Grzesiek, Vuister, Zhu, Pfeifer and Bax' processing                  NMRPipe      ? 1 
Goddard                                             'peak picking'              Sparky       ? 2 
Goddard                                             'chemical shift assignment' Sparky       ? 3 
'Schwieters, Kuszewski, Tjandra and Clore'          'structure solution'        'X-PLOR NIH' ? 4 
'Schwieters, Kuszewski, Tjandra and Clore'          refinement                  'X-PLOR NIH' ? 5 
# 
loop_
_chem_comp_atom.comp_id 
_chem_comp_atom.atom_id 
_chem_comp_atom.type_symbol 
_chem_comp_atom.pdbx_aromatic_flag 
_chem_comp_atom.pdbx_stereo_config 
_chem_comp_atom.pdbx_ordinal 
ARG N    N N N 1   
ARG CA   C N S 2   
ARG C    C N N 3   
ARG O    O N N 4   
ARG CB   C N N 5   
ARG CG   C N N 6   
ARG CD   C N N 7   
ARG NE   N N N 8   
ARG CZ   C N N 9   
ARG NH1  N N N 10  
ARG NH2  N N N 11  
ARG OXT  O N N 12  
ARG H    H N N 13  
ARG H2   H N N 14  
ARG HA   H N N 15  
ARG HB2  H N N 16  
ARG HB3  H N N 17  
ARG HG2  H N N 18  
ARG HG3  H N N 19  
ARG HD2  H N N 20  
ARG HD3  H N N 21  
ARG HE   H N N 22  
ARG HH11 H N N 23  
ARG HH12 H N N 24  
ARG HH21 H N N 25  
ARG HH22 H N N 26  
ARG HXT  H N N 27  
CYS N    N N N 28  
CYS CA   C N R 29  
CYS C    C N N 30  
CYS O    O N N 31  
CYS CB   C N N 32  
CYS SG   S N N 33  
CYS OXT  O N N 34  
CYS H    H N N 35  
CYS H2   H N N 36  
CYS HA   H N N 37  
CYS HB2  H N N 38  
CYS HB3  H N N 39  
CYS HG   H N N 40  
CYS HXT  H N N 41  
GLY N    N N N 42  
GLY CA   C N N 43  
GLY C    C N N 44  
GLY O    O N N 45  
GLY OXT  O N N 46  
GLY H    H N N 47  
GLY H2   H N N 48  
GLY HA2  H N N 49  
GLY HA3  H N N 50  
GLY HXT  H N N 51  
LEU N    N N N 52  
LEU CA   C N S 53  
LEU C    C N N 54  
LEU O    O N N 55  
LEU CB   C N N 56  
LEU CG   C N N 57  
LEU CD1  C N N 58  
LEU CD2  C N N 59  
LEU OXT  O N N 60  
LEU H    H N N 61  
LEU H2   H N N 62  
LEU HA   H N N 63  
LEU HB2  H N N 64  
LEU HB3  H N N 65  
LEU HG   H N N 66  
LEU HD11 H N N 67  
LEU HD12 H N N 68  
LEU HD13 H N N 69  
LEU HD21 H N N 70  
LEU HD22 H N N 71  
LEU HD23 H N N 72  
LEU HXT  H N N 73  
PHE N    N N N 74  
PHE CA   C N S 75  
PHE C    C N N 76  
PHE O    O N N 77  
PHE CB   C N N 78  
PHE CG   C Y N 79  
PHE CD1  C Y N 80  
PHE CD2  C Y N 81  
PHE CE1  C Y N 82  
PHE CE2  C Y N 83  
PHE CZ   C Y N 84  
PHE OXT  O N N 85  
PHE H    H N N 86  
PHE H2   H N N 87  
PHE HA   H N N 88  
PHE HB2  H N N 89  
PHE HB3  H N N 90  
PHE HD1  H N N 91  
PHE HD2  H N N 92  
PHE HE1  H N N 93  
PHE HE2  H N N 94  
PHE HZ   H N N 95  
PHE HXT  H N N 96  
TYR N    N N N 97  
TYR CA   C N S 98  
TYR C    C N N 99  
TYR O    O N N 100 
TYR CB   C N N 101 
TYR CG   C Y N 102 
TYR CD1  C Y N 103 
TYR CD2  C Y N 104 
TYR CE1  C Y N 105 
TYR CE2  C Y N 106 
TYR CZ   C Y N 107 
TYR OH   O N N 108 
TYR OXT  O N N 109 
TYR H    H N N 110 
TYR H2   H N N 111 
TYR HA   H N N 112 
TYR HB2  H N N 113 
TYR HB3  H N N 114 
TYR HD1  H N N 115 
TYR HD2  H N N 116 
TYR HE1  H N N 117 
TYR HE2  H N N 118 
TYR HH   H N N 119 
TYR HXT  H N N 120 
VAL N    N N N 121 
VAL CA   C N S 122 
VAL C    C N N 123 
VAL O    O N N 124 
VAL CB   C N N 125 
VAL CG1  C N N 126 
VAL CG2  C N N 127 
VAL OXT  O N N 128 
VAL H    H N N 129 
VAL H2   H N N 130 
VAL HA   H N N 131 
VAL HB   H N N 132 
VAL HG11 H N N 133 
VAL HG12 H N N 134 
VAL HG13 H N N 135 
VAL HG21 H N N 136 
VAL HG22 H N N 137 
VAL HG23 H N N 138 
VAL HXT  H N N 139 
# 
loop_
_chem_comp_bond.comp_id 
_chem_comp_bond.atom_id_1 
_chem_comp_bond.atom_id_2 
_chem_comp_bond.value_order 
_chem_comp_bond.pdbx_aromatic_flag 
_chem_comp_bond.pdbx_stereo_config 
_chem_comp_bond.pdbx_ordinal 
ARG N   CA   sing N N 1   
ARG N   H    sing N N 2   
ARG N   H2   sing N N 3   
ARG CA  C    sing N N 4   
ARG CA  CB   sing N N 5   
ARG CA  HA   sing N N 6   
ARG C   O    doub N N 7   
ARG C   OXT  sing N N 8   
ARG CB  CG   sing N N 9   
ARG CB  HB2  sing N N 10  
ARG CB  HB3  sing N N 11  
ARG CG  CD   sing N N 12  
ARG CG  HG2  sing N N 13  
ARG CG  HG3  sing N N 14  
ARG CD  NE   sing N N 15  
ARG CD  HD2  sing N N 16  
ARG CD  HD3  sing N N 17  
ARG NE  CZ   sing N N 18  
ARG NE  HE   sing N N 19  
ARG CZ  NH1  sing N N 20  
ARG CZ  NH2  doub N N 21  
ARG NH1 HH11 sing N N 22  
ARG NH1 HH12 sing N N 23  
ARG NH2 HH21 sing N N 24  
ARG NH2 HH22 sing N N 25  
ARG OXT HXT  sing N N 26  
CYS N   CA   sing N N 27  
CYS N   H    sing N N 28  
CYS N   H2   sing N N 29  
CYS CA  C    sing N N 30  
CYS CA  CB   sing N N 31  
CYS CA  HA   sing N N 32  
CYS C   O    doub N N 33  
CYS C   OXT  sing N N 34  
CYS CB  SG   sing N N 35  
CYS CB  HB2  sing N N 36  
CYS CB  HB3  sing N N 37  
CYS SG  HG   sing N N 38  
CYS OXT HXT  sing N N 39  
GLY N   CA   sing N N 40  
GLY N   H    sing N N 41  
GLY N   H2   sing N N 42  
GLY CA  C    sing N N 43  
GLY CA  HA2  sing N N 44  
GLY CA  HA3  sing N N 45  
GLY C   O    doub N N 46  
GLY C   OXT  sing N N 47  
GLY OXT HXT  sing N N 48  
LEU N   CA   sing N N 49  
LEU N   H    sing N N 50  
LEU N   H2   sing N N 51  
LEU CA  C    sing N N 52  
LEU CA  CB   sing N N 53  
LEU CA  HA   sing N N 54  
LEU C   O    doub N N 55  
LEU C   OXT  sing N N 56  
LEU CB  CG   sing N N 57  
LEU CB  HB2  sing N N 58  
LEU CB  HB3  sing N N 59  
LEU CG  CD1  sing N N 60  
LEU CG  CD2  sing N N 61  
LEU CG  HG   sing N N 62  
LEU CD1 HD11 sing N N 63  
LEU CD1 HD12 sing N N 64  
LEU CD1 HD13 sing N N 65  
LEU CD2 HD21 sing N N 66  
LEU CD2 HD22 sing N N 67  
LEU CD2 HD23 sing N N 68  
LEU OXT HXT  sing N N 69  
PHE N   CA   sing N N 70  
PHE N   H    sing N N 71  
PHE N   H2   sing N N 72  
PHE CA  C    sing N N 73  
PHE CA  CB   sing N N 74  
PHE CA  HA   sing N N 75  
PHE C   O    doub N N 76  
PHE C   OXT  sing N N 77  
PHE CB  CG   sing N N 78  
PHE CB  HB2  sing N N 79  
PHE CB  HB3  sing N N 80  
PHE CG  CD1  doub Y N 81  
PHE CG  CD2  sing Y N 82  
PHE CD1 CE1  sing Y N 83  
PHE CD1 HD1  sing N N 84  
PHE CD2 CE2  doub Y N 85  
PHE CD2 HD2  sing N N 86  
PHE CE1 CZ   doub Y N 87  
PHE CE1 HE1  sing N N 88  
PHE CE2 CZ   sing Y N 89  
PHE CE2 HE2  sing N N 90  
PHE CZ  HZ   sing N N 91  
PHE OXT HXT  sing N N 92  
TYR N   CA   sing N N 93  
TYR N   H    sing N N 94  
TYR N   H2   sing N N 95  
TYR CA  C    sing N N 96  
TYR CA  CB   sing N N 97  
TYR CA  HA   sing N N 98  
TYR C   O    doub N N 99  
TYR C   OXT  sing N N 100 
TYR CB  CG   sing N N 101 
TYR CB  HB2  sing N N 102 
TYR CB  HB3  sing N N 103 
TYR CG  CD1  doub Y N 104 
TYR CG  CD2  sing Y N 105 
TYR CD1 CE1  sing Y N 106 
TYR CD1 HD1  sing N N 107 
TYR CD2 CE2  doub Y N 108 
TYR CD2 HD2  sing N N 109 
TYR CE1 CZ   doub Y N 110 
TYR CE1 HE1  sing N N 111 
TYR CE2 CZ   sing Y N 112 
TYR CE2 HE2  sing N N 113 
TYR CZ  OH   sing N N 114 
TYR OH  HH   sing N N 115 
TYR OXT HXT  sing N N 116 
VAL N   CA   sing N N 117 
VAL N   H    sing N N 118 
VAL N   H2   sing N N 119 
VAL CA  C    sing N N 120 
VAL CA  CB   sing N N 121 
VAL CA  HA   sing N N 122 
VAL C   O    doub N N 123 
VAL C   OXT  sing N N 124 
VAL CB  CG1  sing N N 125 
VAL CB  CG2  sing N N 126 
VAL CB  HB   sing N N 127 
VAL CG1 HG11 sing N N 128 
VAL CG1 HG12 sing N N 129 
VAL CG1 HG13 sing N N 130 
VAL CG2 HG21 sing N N 131 
VAL CG2 HG22 sing N N 132 
VAL CG2 HG23 sing N N 133 
VAL OXT HXT  sing N N 134 
# 
_pdbx_nmr_spectrometer.field_strength    700 
_pdbx_nmr_spectrometer.manufacturer      Bruker 
_pdbx_nmr_spectrometer.model             AVANCE 
_pdbx_nmr_spectrometer.spectrometer_id   1 
_pdbx_nmr_spectrometer.type              'Bruker Avance' 
# 
_atom_sites.entry_id                    2MZ6 
_atom_sites.fract_transf_matrix[1][1]   1.000000 
_atom_sites.fract_transf_matrix[1][2]   0.000000 
_atom_sites.fract_transf_matrix[1][3]   0.000000 
_atom_sites.fract_transf_matrix[2][1]   0.000000 
_atom_sites.fract_transf_matrix[2][2]   1.000000 
_atom_sites.fract_transf_matrix[2][3]   0.000000 
_atom_sites.fract_transf_matrix[3][1]   0.000000 
_atom_sites.fract_transf_matrix[3][2]   0.000000 
_atom_sites.fract_transf_matrix[3][3]   1.000000 
_atom_sites.fract_transf_vector[1]      0.00000 
_atom_sites.fract_transf_vector[2]      0.00000 
_atom_sites.fract_transf_vector[3]      0.00000 
# 
loop_
_atom_type.symbol 
C 
H 
N 
O 
S 
# 
loop_
_atom_site.group_PDB 
_atom_site.id 
_atom_site.type_symbol 
_atom_site.label_atom_id 
_atom_site.label_alt_id 
_atom_site.label_comp_id 
_atom_site.label_asym_id 
_atom_site.label_entity_id 
_atom_site.label_seq_id 
_atom_site.pdbx_PDB_ins_code 
_atom_site.Cartn_x 
_atom_site.Cartn_y 
_atom_site.Cartn_z 
_atom_site.occupancy 
_atom_site.B_iso_or_equiv 
_atom_site.pdbx_formal_charge 
_atom_site.auth_seq_id 
_atom_site.auth_comp_id 
_atom_site.auth_asym_id 
_atom_site.auth_atom_id 
_atom_site.pdbx_PDB_model_num 
ATOM 1   N N    . ARG A 1 1  ? 14.544  12.365  4.408   1.00 0.00 ? 1  ARG A N    1 
ATOM 2   C CA   . ARG A 1 1  ? 13.486  12.693  3.407   1.00 0.00 ? 1  ARG A CA   1 
ATOM 3   C C    . ARG A 1 1  ? 12.299  11.738  3.560   1.00 0.00 ? 1  ARG A C    1 
ATOM 4   O O    . ARG A 1 1  ? 12.310  10.847  4.387   1.00 0.00 ? 1  ARG A O    1 
ATOM 5   C CB   . ARG A 1 1  ? 14.157  12.501  2.046   1.00 0.00 ? 1  ARG A CB   1 
ATOM 6   C CG   . ARG A 1 1  ? 14.581  13.862  1.482   1.00 0.00 ? 1  ARG A CG   1 
ATOM 7   C CD   . ARG A 1 1  ? 16.109  13.960  1.469   1.00 0.00 ? 1  ARG A CD   1 
ATOM 8   N NE   . ARG A 1 1  ? 16.533  13.224  0.242   1.00 0.00 ? 1  ARG A NE   1 
ATOM 9   C CZ   . ARG A 1 1  ? 17.748  13.358  -0.232  1.00 0.00 ? 1  ARG A CZ   1 
ATOM 10  N NH1  . ARG A 1 1  ? 18.616  14.138  0.361   1.00 0.00 ? 1  ARG A NH1  1 
ATOM 11  N NH2  . ARG A 1 1  ? 18.097  12.706  -1.307  1.00 0.00 ? 1  ARG A NH2  1 
ATOM 12  H H1   . ARG A 1 1  ? 14.187  12.559  5.365   1.00 0.00 ? 1  ARG A H1   1 
ATOM 13  H H2   . ARG A 1 1  ? 15.385  12.950  4.226   1.00 0.00 ? 1  ARG A H2   1 
ATOM 14  H H3   . ARG A 1 1  ? 14.795  11.360  4.330   1.00 0.00 ? 1  ARG A H3   1 
ATOM 15  H HA   . ARG A 1 1  ? 13.165  13.717  3.520   1.00 0.00 ? 1  ARG A HA   1 
ATOM 16  H HB2  . ARG A 1 1  ? 15.026  11.870  2.160   1.00 0.00 ? 1  ARG A HB2  1 
ATOM 17  H HB3  . ARG A 1 1  ? 13.460  12.035  1.365   1.00 0.00 ? 1  ARG A HB3  1 
ATOM 18  H HG2  . ARG A 1 1  ? 14.206  13.965  0.475   1.00 0.00 ? 1  ARG A HG2  1 
ATOM 19  H HG3  . ARG A 1 1  ? 14.178  14.652  2.098   1.00 0.00 ? 1  ARG A HG3  1 
ATOM 20  H HD2  . ARG A 1 1  ? 16.417  14.995  1.414   1.00 0.00 ? 1  ARG A HD2  1 
ATOM 21  H HD3  . ARG A 1 1  ? 16.524  13.488  2.346   1.00 0.00 ? 1  ARG A HD3  1 
ATOM 22  H HE   . ARG A 1 1  ? 15.897  12.634  -0.214  1.00 0.00 ? 1  ARG A HE   1 
ATOM 23  H HH11 . ARG A 1 1  ? 18.359  14.641  1.185   1.00 0.00 ? 1  ARG A HH11 1 
ATOM 24  H HH12 . ARG A 1 1  ? 19.539  14.231  -0.011  1.00 0.00 ? 1  ARG A HH12 1 
ATOM 25  H HH21 . ARG A 1 1  ? 17.439  12.108  -1.765  1.00 0.00 ? 1  ARG A HH21 1 
ATOM 26  H HH22 . ARG A 1 1  ? 19.022  12.804  -1.674  1.00 0.00 ? 1  ARG A HH22 1 
ATOM 27  N N    . GLY A 1 2  ? 11.276  11.919  2.769   1.00 0.00 ? 2  GLY A N    1 
ATOM 28  C CA   . GLY A 1 2  ? 10.088  11.023  2.865   1.00 0.00 ? 2  GLY A CA   1 
ATOM 29  C C    . GLY A 1 2  ? 10.197  9.914   1.818   1.00 0.00 ? 2  GLY A C    1 
ATOM 30  O O    . GLY A 1 2  ? 11.123  9.881   1.030   1.00 0.00 ? 2  GLY A O    1 
ATOM 31  H H    . GLY A 1 2  ? 11.290  12.644  2.110   1.00 0.00 ? 2  GLY A H    1 
ATOM 32  H HA2  . GLY A 1 2  ? 10.047  10.585  3.853   1.00 0.00 ? 2  GLY A HA2  1 
ATOM 33  H HA3  . GLY A 1 2  ? 9.190   11.594  2.686   1.00 0.00 ? 2  GLY A HA3  1 
ATOM 34  N N    . GLY A 1 3  ? 9.260   9.005   1.802   1.00 0.00 ? 3  GLY A N    1 
ATOM 35  C CA   . GLY A 1 3  ? 9.309   7.897   0.806   1.00 0.00 ? 3  GLY A CA   1 
ATOM 36  C C    . GLY A 1 3  ? 8.046   7.041   0.928   1.00 0.00 ? 3  GLY A C    1 
ATOM 37  O O    . GLY A 1 3  ? 6.976   7.538   1.222   1.00 0.00 ? 3  GLY A O    1 
ATOM 38  H H    . GLY A 1 3  ? 8.523   9.051   2.447   1.00 0.00 ? 3  GLY A H    1 
ATOM 39  H HA2  . GLY A 1 3  ? 9.370   8.312   -0.190  1.00 0.00 ? 3  GLY A HA2  1 
ATOM 40  H HA3  . GLY A 1 3  ? 10.174  7.281   0.994   1.00 0.00 ? 3  GLY A HA3  1 
ATOM 41  N N    . GLY A 1 4  ? 8.162   5.760   0.702   1.00 0.00 ? 4  GLY A N    1 
ATOM 42  C CA   . GLY A 1 4  ? 6.969   4.871   0.805   1.00 0.00 ? 4  GLY A CA   1 
ATOM 43  C C    . GLY A 1 4  ? 7.403   3.486   1.289   1.00 0.00 ? 4  GLY A C    1 
ATOM 44  O O    . GLY A 1 4  ? 8.499   3.038   1.016   1.00 0.00 ? 4  GLY A O    1 
ATOM 45  H H    . GLY A 1 4  ? 9.035   5.382   0.466   1.00 0.00 ? 4  GLY A H    1 
ATOM 46  H HA2  . GLY A 1 4  ? 6.264   5.295   1.505   1.00 0.00 ? 4  GLY A HA2  1 
ATOM 47  H HA3  . GLY A 1 4  ? 6.505   4.780   -0.165  1.00 0.00 ? 4  GLY A HA3  1 
ATOM 48  N N    . LEU A 1 5  ? 6.549   2.807   2.007   1.00 0.00 ? 5  LEU A N    1 
ATOM 49  C CA   . LEU A 1 5  ? 6.909   1.448   2.511   1.00 0.00 ? 5  LEU A CA   1 
ATOM 50  C C    . LEU A 1 5  ? 6.019   0.391   1.852   1.00 0.00 ? 5  LEU A C    1 
ATOM 51  O O    . LEU A 1 5  ? 4.809   0.512   1.829   1.00 0.00 ? 5  LEU A O    1 
ATOM 52  C CB   . LEU A 1 5  ? 6.653   1.504   4.021   1.00 0.00 ? 5  LEU A CB   1 
ATOM 53  C CG   . LEU A 1 5  ? 7.981   1.409   4.782   1.00 0.00 ? 5  LEU A CG   1 
ATOM 54  C CD1  . LEU A 1 5  ? 8.658   0.069   4.476   1.00 0.00 ? 5  LEU A CD1  1 
ATOM 55  C CD2  . LEU A 1 5  ? 8.902   2.555   4.353   1.00 0.00 ? 5  LEU A CD2  1 
ATOM 56  H H    . LEU A 1 5  ? 5.671   3.188   2.215   1.00 0.00 ? 5  LEU A H    1 
ATOM 57  H HA   . LEU A 1 5  ? 7.949   1.238   2.319   1.00 0.00 ? 5  LEU A HA   1 
ATOM 58  H HB2  . LEU A 1 5  ? 6.164   2.434   4.268   1.00 0.00 ? 5  LEU A HB2  1 
ATOM 59  H HB3  . LEU A 1 5  ? 6.018   0.678   4.309   1.00 0.00 ? 5  LEU A HB3  1 
ATOM 60  H HG   . LEU A 1 5  ? 7.790   1.477   5.844   1.00 0.00 ? 5  LEU A HG   1 
ATOM 61  H HD11 . LEU A 1 5  ? 9.724   0.216   4.387   1.00 0.00 ? 5  LEU A HD11 1 
ATOM 62  H HD12 . LEU A 1 5  ? 8.270   -0.329  3.550   1.00 0.00 ? 5  LEU A HD12 1 
ATOM 63  H HD13 . LEU A 1 5  ? 8.458   -0.626  5.278   1.00 0.00 ? 5  LEU A HD13 1 
ATOM 64  H HD21 . LEU A 1 5  ? 9.529   2.842   5.185   1.00 0.00 ? 5  LEU A HD21 1 
ATOM 65  H HD22 . LEU A 1 5  ? 8.305   3.400   4.044   1.00 0.00 ? 5  LEU A HD22 1 
ATOM 66  H HD23 . LEU A 1 5  ? 9.522   2.231   3.530   1.00 0.00 ? 5  LEU A HD23 1 
ATOM 67  N N    . CYS A 1 6  ? 6.608   -0.644  1.315   1.00 0.00 ? 6  CYS A N    1 
ATOM 68  C CA   . CYS A 1 6  ? 5.796   -1.709  0.657   1.00 0.00 ? 6  CYS A CA   1 
ATOM 69  C C    . CYS A 1 6  ? 6.280   -3.094  1.098   1.00 0.00 ? 6  CYS A C    1 
ATOM 70  O O    . CYS A 1 6  ? 7.451   -3.406  1.020   1.00 0.00 ? 6  CYS A O    1 
ATOM 71  C CB   . CYS A 1 6  ? 6.027   -1.513  -0.841  1.00 0.00 ? 6  CYS A CB   1 
ATOM 72  S SG   . CYS A 1 6  ? 4.762   -0.403  -1.507  1.00 0.00 ? 6  CYS A SG   1 
ATOM 73  H H    . CYS A 1 6  ? 7.584   -0.721  1.346   1.00 0.00 ? 6  CYS A H    1 
ATOM 74  H HA   . CYS A 1 6  ? 4.751   -1.583  0.889   1.00 0.00 ? 6  CYS A HA   1 
ATOM 75  H HB2  . CYS A 1 6  ? 7.004   -1.083  -1.002  1.00 0.00 ? 6  CYS A HB2  1 
ATOM 76  H HB3  . CYS A 1 6  ? 5.967   -2.468  -1.343  1.00 0.00 ? 6  CYS A HB3  1 
ATOM 77  N N    . TYR A 1 7  ? 5.382   -3.924  1.557   1.00 0.00 ? 7  TYR A N    1 
ATOM 78  C CA   . TYR A 1 7  ? 5.785   -5.291  2.001   1.00 0.00 ? 7  TYR A CA   1 
ATOM 79  C C    . TYR A 1 7  ? 5.082   -6.349  1.145   1.00 0.00 ? 7  TYR A C    1 
ATOM 80  O O    . TYR A 1 7  ? 3.885   -6.296  0.936   1.00 0.00 ? 7  TYR A O    1 
ATOM 81  C CB   . TYR A 1 7  ? 5.325   -5.386  3.457   1.00 0.00 ? 7  TYR A CB   1 
ATOM 82  C CG   . TYR A 1 7  ? 6.515   -5.226  4.374   1.00 0.00 ? 7  TYR A CG   1 
ATOM 83  C CD1  . TYR A 1 7  ? 7.145   -3.981  4.491   1.00 0.00 ? 7  TYR A CD1  1 
ATOM 84  C CD2  . TYR A 1 7  ? 6.985   -6.321  5.108   1.00 0.00 ? 7  TYR A CD2  1 
ATOM 85  C CE1  . TYR A 1 7  ? 8.248   -3.833  5.342   1.00 0.00 ? 7  TYR A CE1  1 
ATOM 86  C CE2  . TYR A 1 7  ? 8.087   -6.173  5.958   1.00 0.00 ? 7  TYR A CE2  1 
ATOM 87  C CZ   . TYR A 1 7  ? 8.718   -4.929  6.076   1.00 0.00 ? 7  TYR A CZ   1 
ATOM 88  O OH   . TYR A 1 7  ? 9.805   -4.782  6.915   1.00 0.00 ? 7  TYR A OH   1 
ATOM 89  H H    . TYR A 1 7  ? 4.443   -3.650  1.608   1.00 0.00 ? 7  TYR A H    1 
ATOM 90  H HA   . TYR A 1 7  ? 6.855   -5.408  1.942   1.00 0.00 ? 7  TYR A HA   1 
ATOM 91  H HB2  . TYR A 1 7  ? 4.605   -4.607  3.660   1.00 0.00 ? 7  TYR A HB2  1 
ATOM 92  H HB3  . TYR A 1 7  ? 4.868   -6.350  3.628   1.00 0.00 ? 7  TYR A HB3  1 
ATOM 93  H HD1  . TYR A 1 7  ? 6.783   -3.137  3.925   1.00 0.00 ? 7  TYR A HD1  1 
ATOM 94  H HD2  . TYR A 1 7  ? 6.498   -7.281  5.018   1.00 0.00 ? 7  TYR A HD2  1 
ATOM 95  H HE1  . TYR A 1 7  ? 8.734   -2.874  5.433   1.00 0.00 ? 7  TYR A HE1  1 
ATOM 96  H HE2  . TYR A 1 7  ? 8.450   -7.018  6.524   1.00 0.00 ? 7  TYR A HE2  1 
ATOM 97  H HH   . TYR A 1 7  ? 9.556   -4.181  7.620   1.00 0.00 ? 7  TYR A HH   1 
ATOM 98  N N    . CYS A 1 8  ? 5.817   -7.306  0.646   1.00 0.00 ? 8  CYS A N    1 
ATOM 99  C CA   . CYS A 1 8  ? 5.193   -8.365  -0.200  1.00 0.00 ? 8  CYS A CA   1 
ATOM 100 C C    . CYS A 1 8  ? 5.615   -9.754  0.293   1.00 0.00 ? 8  CYS A C    1 
ATOM 101 O O    . CYS A 1 8  ? 6.767   -9.987  0.604   1.00 0.00 ? 8  CYS A O    1 
ATOM 102 C CB   . CYS A 1 8  ? 5.726   -8.111  -1.613  1.00 0.00 ? 8  CYS A CB   1 
ATOM 103 S SG   . CYS A 1 8  ? 4.345   -8.038  -2.782  1.00 0.00 ? 8  CYS A SG   1 
ATOM 104 H H    . CYS A 1 8  ? 6.780   -7.327  0.826   1.00 0.00 ? 8  CYS A H    1 
ATOM 105 H HA   . CYS A 1 8  ? 4.119   -8.272  -0.187  1.00 0.00 ? 8  CYS A HA   1 
ATOM 106 H HB2  . CYS A 1 8  ? 6.261   -7.172  -1.631  1.00 0.00 ? 8  CYS A HB2  1 
ATOM 107 H HB3  . CYS A 1 8  ? 6.394   -8.911  -1.895  1.00 0.00 ? 8  CYS A HB3  1 
ATOM 108 N N    . ARG A 1 9  ? 4.691   -10.674 0.362   1.00 0.00 ? 9  ARG A N    1 
ATOM 109 C CA   . ARG A 1 9  ? 5.035   -12.048 0.833   1.00 0.00 ? 9  ARG A CA   1 
ATOM 110 C C    . ARG A 1 9  ? 4.002   -13.055 0.314   1.00 0.00 ? 9  ARG A C    1 
ATOM 111 O O    . ARG A 1 9  ? 2.821   -12.771 0.258   1.00 0.00 ? 9  ARG A O    1 
ATOM 112 C CB   . ARG A 1 9  ? 4.988   -11.970 2.361   1.00 0.00 ? 9  ARG A CB   1 
ATOM 113 C CG   . ARG A 1 9  ? 6.398   -12.161 2.933   1.00 0.00 ? 9  ARG A CG   1 
ATOM 114 C CD   . ARG A 1 9  ? 6.335   -13.071 4.162   1.00 0.00 ? 9  ARG A CD   1 
ATOM 115 N NE   . ARG A 1 9  ? 7.433   -12.595 5.053   1.00 0.00 ? 9  ARG A NE   1 
ATOM 116 C CZ   . ARG A 1 9  ? 7.857   -13.337 6.047   1.00 0.00 ? 9  ARG A CZ   1 
ATOM 117 N NH1  . ARG A 1 9  ? 7.324   -14.509 6.283   1.00 0.00 ? 9  ARG A NH1  1 
ATOM 118 N NH2  . ARG A 1 9  ? 8.820   -12.901 6.812   1.00 0.00 ? 9  ARG A NH2  1 
ATOM 119 H H    . ARG A 1 9  ? 3.769   -10.461 0.105   1.00 0.00 ? 9  ARG A H    1 
ATOM 120 H HA   . ARG A 1 9  ? 6.026   -12.319 0.505   1.00 0.00 ? 9  ARG A HA   1 
ATOM 121 H HB2  . ARG A 1 9  ? 4.607   -11.005 2.660   1.00 0.00 ? 9  ARG A HB2  1 
ATOM 122 H HB3  . ARG A 1 9  ? 4.341   -12.745 2.742   1.00 0.00 ? 9  ARG A HB3  1 
ATOM 123 H HG2  . ARG A 1 9  ? 7.033   -12.611 2.183   1.00 0.00 ? 9  ARG A HG2  1 
ATOM 124 H HG3  . ARG A 1 9  ? 6.802   -11.201 3.217   1.00 0.00 ? 9  ARG A HG3  1 
ATOM 125 H HD2  . ARG A 1 9  ? 5.377   -12.969 4.654   1.00 0.00 ? 9  ARG A HD2  1 
ATOM 126 H HD3  . ARG A 1 9  ? 6.507   -14.097 3.879   1.00 0.00 ? 9  ARG A HD3  1 
ATOM 127 H HE   . ARG A 1 9  ? 7.844   -11.718 4.893   1.00 0.00 ? 9  ARG A HE   1 
ATOM 128 H HH11 . ARG A 1 9  ? 6.585   -14.851 5.703   1.00 0.00 ? 9  ARG A HH11 1 
ATOM 129 H HH12 . ARG A 1 9  ? 7.657   -15.064 7.044   1.00 0.00 ? 9  ARG A HH12 1 
ATOM 130 H HH21 . ARG A 1 9  ? 9.231   -12.006 6.639   1.00 0.00 ? 9  ARG A HH21 1 
ATOM 131 H HH22 . ARG A 1 9  ? 9.147   -13.462 7.573   1.00 0.00 ? 9  ARG A HH22 1 
ATOM 132 N N    . ARG A 1 10 ? 4.435   -14.230 -0.067  1.00 0.00 ? 10 ARG A N    1 
ATOM 133 C CA   . ARG A 1 10 ? 3.477   -15.254 -0.581  1.00 0.00 ? 10 ARG A CA   1 
ATOM 134 C C    . ARG A 1 10 ? 2.624   -14.656 -1.716  1.00 0.00 ? 10 ARG A C    1 
ATOM 135 O O    . ARG A 1 10 ? 3.149   -14.085 -2.652  1.00 0.00 ? 10 ARG A O    1 
ATOM 136 C CB   . ARG A 1 10 ? 2.621   -15.632 0.634   1.00 0.00 ? 10 ARG A CB   1 
ATOM 137 C CG   . ARG A 1 10 ? 2.019   -17.024 0.427   1.00 0.00 ? 10 ARG A CG   1 
ATOM 138 C CD   . ARG A 1 10 ? 2.080   -17.810 1.741   1.00 0.00 ? 10 ARG A CD   1 
ATOM 139 N NE   . ARG A 1 10 ? 2.391   -19.213 1.338   1.00 0.00 ? 10 ARG A NE   1 
ATOM 140 C CZ   . ARG A 1 10 ? 2.241   -20.200 2.187   1.00 0.00 ? 10 ARG A CZ   1 
ATOM 141 N NH1  . ARG A 1 10 ? 1.816   -19.977 3.405   1.00 0.00 ? 10 ARG A NH1  1 
ATOM 142 N NH2  . ARG A 1 10 ? 2.519   -21.419 1.815   1.00 0.00 ? 10 ARG A NH2  1 
ATOM 143 H H    . ARG A 1 10 ? 5.391   -14.441 -0.014  1.00 0.00 ? 10 ARG A H    1 
ATOM 144 H HA   . ARG A 1 10 ? 4.012   -16.121 -0.936  1.00 0.00 ? 10 ARG A HA   1 
ATOM 145 H HB2  . ARG A 1 10 ? 3.240   -15.635 1.520   1.00 0.00 ? 10 ARG A HB2  1 
ATOM 146 H HB3  . ARG A 1 10 ? 1.826   -14.912 0.755   1.00 0.00 ? 10 ARG A HB3  1 
ATOM 147 H HG2  . ARG A 1 10 ? 0.990   -16.929 0.113   1.00 0.00 ? 10 ARG A HG2  1 
ATOM 148 H HG3  . ARG A 1 10 ? 2.579   -17.551 -0.331  1.00 0.00 ? 10 ARG A HG3  1 
ATOM 149 H HD2  . ARG A 1 10 ? 2.861   -17.415 2.376   1.00 0.00 ? 10 ARG A HD2  1 
ATOM 150 H HD3  . ARG A 1 10 ? 1.128   -17.772 2.245   1.00 0.00 ? 10 ARG A HD3  1 
ATOM 151 H HE   . ARG A 1 10 ? 2.712   -19.399 0.431   1.00 0.00 ? 10 ARG A HE   1 
ATOM 152 H HH11 . ARG A 1 10 ? 1.600   -19.047 3.700   1.00 0.00 ? 10 ARG A HH11 1 
ATOM 153 H HH12 . ARG A 1 10 ? 1.705   -20.738 4.042   1.00 0.00 ? 10 ARG A HH12 1 
ATOM 154 H HH21 . ARG A 1 10 ? 2.846   -21.597 0.886   1.00 0.00 ? 10 ARG A HH21 1 
ATOM 155 H HH22 . ARG A 1 10 ? 2.407   -22.177 2.459   1.00 0.00 ? 10 ARG A HH22 1 
ATOM 156 N N    . ARG A 1 11 ? 1.320   -14.777 -1.648  1.00 0.00 ? 11 ARG A N    1 
ATOM 157 C CA   . ARG A 1 11 ? 0.461   -14.210 -2.728  1.00 0.00 ? 11 ARG A CA   1 
ATOM 158 C C    . ARG A 1 11 ? -0.306  -12.991 -2.209  1.00 0.00 ? 11 ARG A C    1 
ATOM 159 O O    . ARG A 1 11 ? -1.499  -12.863 -2.412  1.00 0.00 ? 11 ARG A O    1 
ATOM 160 C CB   . ARG A 1 11 ? -0.507  -15.336 -3.096  1.00 0.00 ? 11 ARG A CB   1 
ATOM 161 C CG   . ARG A 1 11 ? -0.940  -15.187 -4.558  1.00 0.00 ? 11 ARG A CG   1 
ATOM 162 C CD   . ARG A 1 11 ? -0.560  -16.447 -5.340  1.00 0.00 ? 11 ARG A CD   1 
ATOM 163 N NE   . ARG A 1 11 ? 0.680   -16.080 -6.084  1.00 0.00 ? 11 ARG A NE   1 
ATOM 164 C CZ   . ARG A 1 11 ? 0.630   -15.265 -7.110  1.00 0.00 ? 11 ARG A CZ   1 
ATOM 165 N NH1  . ARG A 1 11 ? -0.510  -14.755 -7.503  1.00 0.00 ? 11 ARG A NH1  1 
ATOM 166 N NH2  . ARG A 1 11 ? 1.727   -14.958 -7.745  1.00 0.00 ? 11 ARG A NH2  1 
ATOM 167 H H    . ARG A 1 11 ? 0.908   -15.238 -0.891  1.00 0.00 ? 11 ARG A H    1 
ATOM 168 H HA   . ARG A 1 11 ? 1.059   -13.944 -3.585  1.00 0.00 ? 11 ARG A HA   1 
ATOM 169 H HB2  . ARG A 1 11 ? -0.017  -16.290 -2.958  1.00 0.00 ? 11 ARG A HB2  1 
ATOM 170 H HB3  . ARG A 1 11 ? -1.377  -15.285 -2.458  1.00 0.00 ? 11 ARG A HB3  1 
ATOM 171 H HG2  . ARG A 1 11 ? -2.011  -15.046 -4.602  1.00 0.00 ? 11 ARG A HG2  1 
ATOM 172 H HG3  . ARG A 1 11 ? -0.447  -14.332 -4.995  1.00 0.00 ? 11 ARG A HG3  1 
ATOM 173 H HD2  . ARG A 1 11 ? -0.366  -17.266 -4.661  1.00 0.00 ? 11 ARG A HD2  1 
ATOM 174 H HD3  . ARG A 1 11 ? -1.343  -16.711 -6.035  1.00 0.00 ? 11 ARG A HD3  1 
ATOM 175 H HE   . ARG A 1 11 ? 1.543   -16.451 -5.802  1.00 0.00 ? 11 ARG A HE   1 
ATOM 176 H HH11 . ARG A 1 11 ? -1.356  -14.982 -7.022  1.00 0.00 ? 11 ARG A HH11 1 
ATOM 177 H HH12 . ARG A 1 11 ? -0.534  -14.134 -8.287  1.00 0.00 ? 11 ARG A HH12 1 
ATOM 178 H HH21 . ARG A 1 11 ? 2.601   -15.344 -7.449  1.00 0.00 ? 11 ARG A HH21 1 
ATOM 179 H HH22 . ARG A 1 11 ? 1.694   -14.337 -8.529  1.00 0.00 ? 11 ARG A HH22 1 
ATOM 180 N N    . PHE A 1 12 ? 0.369   -12.094 -1.541  1.00 0.00 ? 12 PHE A N    1 
ATOM 181 C CA   . PHE A 1 12 ? -0.318  -10.881 -1.009  1.00 0.00 ? 12 PHE A CA   1 
ATOM 182 C C    . PHE A 1 12 ? 0.694   -9.744  -0.808  1.00 0.00 ? 12 PHE A C    1 
ATOM 183 O O    . PHE A 1 12 ? 1.850   -9.977  -0.514  1.00 0.00 ? 12 PHE A O    1 
ATOM 184 C CB   . PHE A 1 12 ? -0.942  -11.336 0.322   1.00 0.00 ? 12 PHE A CB   1 
ATOM 185 C CG   . PHE A 1 12 ? -0.108  -10.865 1.494   1.00 0.00 ? 12 PHE A CG   1 
ATOM 186 C CD1  . PHE A 1 12 ? -0.306  -9.584  2.025   1.00 0.00 ? 12 PHE A CD1  1 
ATOM 187 C CD2  . PHE A 1 12 ? 0.861   -11.710 2.048   1.00 0.00 ? 12 PHE A CD2  1 
ATOM 188 C CE1  . PHE A 1 12 ? 0.465   -9.149  3.109   1.00 0.00 ? 12 PHE A CE1  1 
ATOM 189 C CE2  . PHE A 1 12 ? 1.631   -11.275 3.132   1.00 0.00 ? 12 PHE A CE2  1 
ATOM 190 C CZ   . PHE A 1 12 ? 1.434   -9.994  3.662   1.00 0.00 ? 12 PHE A CZ   1 
ATOM 191 H H    . PHE A 1 12 ? 1.329   -12.218 -1.390  1.00 0.00 ? 12 PHE A H    1 
ATOM 192 H HA   . PHE A 1 12 ? -1.096  -10.568 -1.688  1.00 0.00 ? 12 PHE A HA   1 
ATOM 193 H HB2  . PHE A 1 12 ? -1.937  -10.925 0.407   1.00 0.00 ? 12 PHE A HB2  1 
ATOM 194 H HB3  . PHE A 1 12 ? -1.001  -12.414 0.337   1.00 0.00 ? 12 PHE A HB3  1 
ATOM 195 H HD1  . PHE A 1 12 ? -1.054  -8.932  1.598   1.00 0.00 ? 12 PHE A HD1  1 
ATOM 196 H HD2  . PHE A 1 12 ? 1.013   -12.697 1.639   1.00 0.00 ? 12 PHE A HD2  1 
ATOM 197 H HE1  . PHE A 1 12 ? 0.313   -8.162  3.518   1.00 0.00 ? 12 PHE A HE1  1 
ATOM 198 H HE2  . PHE A 1 12 ? 2.379   -11.927 3.560   1.00 0.00 ? 12 PHE A HE2  1 
ATOM 199 H HZ   . PHE A 1 12 ? 2.029   -9.659  4.500   1.00 0.00 ? 12 PHE A HZ   1 
ATOM 200 N N    . CYS A 1 13 ? 0.264   -8.521  -0.964  1.00 0.00 ? 13 CYS A N    1 
ATOM 201 C CA   . CYS A 1 13 ? 1.197   -7.370  -0.784  1.00 0.00 ? 13 CYS A CA   1 
ATOM 202 C C    . CYS A 1 13 ? 0.490   -6.224  -0.057  1.00 0.00 ? 13 CYS A C    1 
ATOM 203 O O    . CYS A 1 13 ? -0.705  -6.041  -0.182  1.00 0.00 ? 13 CYS A O    1 
ATOM 204 C CB   . CYS A 1 13 ? 1.583   -6.949  -2.202  1.00 0.00 ? 13 CYS A CB   1 
ATOM 205 S SG   . CYS A 1 13 ? 3.308   -6.398  -2.222  1.00 0.00 ? 13 CYS A SG   1 
ATOM 206 H H    . CYS A 1 13 ? -0.673  -8.358  -1.200  1.00 0.00 ? 13 CYS A H    1 
ATOM 207 H HA   . CYS A 1 13 ? 2.074   -7.680  -0.238  1.00 0.00 ? 13 CYS A HA   1 
ATOM 208 H HB2  . CYS A 1 13 ? 1.466   -7.789  -2.871  1.00 0.00 ? 13 CYS A HB2  1 
ATOM 209 H HB3  . CYS A 1 13 ? 0.943   -6.140  -2.523  1.00 0.00 ? 13 CYS A HB3  1 
ATOM 210 N N    . VAL A 1 14 ? 1.220   -5.450  0.701   1.00 0.00 ? 14 VAL A N    1 
ATOM 211 C CA   . VAL A 1 14 ? 0.592   -4.313  1.436   1.00 0.00 ? 14 VAL A CA   1 
ATOM 212 C C    . VAL A 1 14 ? 1.558   -3.124  1.497   1.00 0.00 ? 14 VAL A C    1 
ATOM 213 O O    . VAL A 1 14 ? 2.721   -3.275  1.818   1.00 0.00 ? 14 VAL A O    1 
ATOM 214 C CB   . VAL A 1 14 ? 0.309   -4.857  2.840   1.00 0.00 ? 14 VAL A CB   1 
ATOM 215 C CG1  . VAL A 1 14 ? 1.620   -5.280  3.506   1.00 0.00 ? 14 VAL A CG1  1 
ATOM 216 C CG2  . VAL A 1 14 ? -0.361  -3.769  3.683   1.00 0.00 ? 14 VAL A CG2  1 
ATOM 217 H H    . VAL A 1 14 ? 2.183   -5.616  0.787   1.00 0.00 ? 14 VAL A H    1 
ATOM 218 H HA   . VAL A 1 14 ? -0.331  -4.023  0.961   1.00 0.00 ? 14 VAL A HA   1 
ATOM 219 H HB   . VAL A 1 14 ? -0.347  -5.712  2.767   1.00 0.00 ? 14 VAL A HB   1 
ATOM 220 H HG11 . VAL A 1 14 ? 2.170   -5.929  2.839   1.00 0.00 ? 14 VAL A HG11 1 
ATOM 221 H HG12 . VAL A 1 14 ? 1.405   -5.806  4.424   1.00 0.00 ? 14 VAL A HG12 1 
ATOM 222 H HG13 . VAL A 1 14 ? 2.214   -4.404  3.723   1.00 0.00 ? 14 VAL A HG13 1 
ATOM 223 H HG21 . VAL A 1 14 ? -0.965  -3.140  3.046   1.00 0.00 ? 14 VAL A HG21 1 
ATOM 224 H HG22 . VAL A 1 14 ? 0.397   -3.170  4.167   1.00 0.00 ? 14 VAL A HG22 1 
ATOM 225 H HG23 . VAL A 1 14 ? -0.988  -4.229  4.432   1.00 0.00 ? 14 VAL A HG23 1 
ATOM 226 N N    . CYS A 1 15 ? 1.084   -1.947  1.189   1.00 0.00 ? 15 CYS A N    1 
ATOM 227 C CA   . CYS A 1 15 ? 1.972   -0.749  1.226   1.00 0.00 ? 15 CYS A CA   1 
ATOM 228 C C    . CYS A 1 15 ? 1.374   0.325   2.140   1.00 0.00 ? 15 CYS A C    1 
ATOM 229 O O    . CYS A 1 15 ? 0.172   0.440   2.272   1.00 0.00 ? 15 CYS A O    1 
ATOM 230 C CB   . CYS A 1 15 ? 2.029   -0.253  -0.218  1.00 0.00 ? 15 CYS A CB   1 
ATOM 231 S SG   . CYS A 1 15 ? 3.027   -1.393  -1.209  1.00 0.00 ? 15 CYS A SG   1 
ATOM 232 H H    . CYS A 1 15 ? 0.143   -1.851  0.932   1.00 0.00 ? 15 CYS A H    1 
ATOM 233 H HA   . CYS A 1 15 ? 2.960   -1.022  1.562   1.00 0.00 ? 15 CYS A HA   1 
ATOM 234 H HB2  . CYS A 1 15 ? 1.029   -0.206  -0.623  1.00 0.00 ? 15 CYS A HB2  1 
ATOM 235 H HB3  . CYS A 1 15 ? 2.475   0.730   -0.245  1.00 0.00 ? 15 CYS A HB3  1 
ATOM 236 N N    . VAL A 1 16 ? 2.207   1.111   2.769   1.00 0.00 ? 16 VAL A N    1 
ATOM 237 C CA   . VAL A 1 16 ? 1.689   2.179   3.676   1.00 0.00 ? 16 VAL A CA   1 
ATOM 238 C C    . VAL A 1 16 ? 2.476   3.477   3.467   1.00 0.00 ? 16 VAL A C    1 
ATOM 239 O O    . VAL A 1 16 ? 3.669   3.458   3.229   1.00 0.00 ? 16 VAL A O    1 
ATOM 240 C CB   . VAL A 1 16 ? 1.904   1.640   5.093   1.00 0.00 ? 16 VAL A CB   1 
ATOM 241 C CG1  . VAL A 1 16 ? 1.088   0.360   5.279   1.00 0.00 ? 16 VAL A CG1  1 
ATOM 242 C CG2  . VAL A 1 16 ? 3.391   1.336   5.312   1.00 0.00 ? 16 VAL A CG2  1 
ATOM 243 H H    . VAL A 1 16 ? 3.173   0.999   2.647   1.00 0.00 ? 16 VAL A H    1 
ATOM 244 H HA   . VAL A 1 16 ? 0.639   2.345   3.500   1.00 0.00 ? 16 VAL A HA   1 
ATOM 245 H HB   . VAL A 1 16 ? 1.577   2.380   5.809   1.00 0.00 ? 16 VAL A HB   1 
ATOM 246 H HG11 . VAL A 1 16 ? 1.461   -0.405  4.614   1.00 0.00 ? 16 VAL A HG11 1 
ATOM 247 H HG12 . VAL A 1 16 ? 0.050   0.557   5.053   1.00 0.00 ? 16 VAL A HG12 1 
ATOM 248 H HG13 . VAL A 1 16 ? 1.176   0.022   6.302   1.00 0.00 ? 16 VAL A HG13 1 
ATOM 249 H HG21 . VAL A 1 16 ? 3.943   1.556   4.410   1.00 0.00 ? 16 VAL A HG21 1 
ATOM 250 H HG22 . VAL A 1 16 ? 3.514   0.293   5.563   1.00 0.00 ? 16 VAL A HG22 1 
ATOM 251 H HG23 . VAL A 1 16 ? 3.767   1.947   6.120   1.00 0.00 ? 16 VAL A HG23 1 
ATOM 252 N N    . GLY A 1 17 ? 1.818   4.601   3.555   1.00 0.00 ? 17 GLY A N    1 
ATOM 253 C CA   . GLY A 1 17 ? 2.527   5.899   3.363   1.00 0.00 ? 17 GLY A CA   1 
ATOM 254 C C    . GLY A 1 17 ? 1.870   6.973   4.232   1.00 0.00 ? 17 GLY A C    1 
ATOM 255 O O    . GLY A 1 17 ? 0.730   6.848   4.634   1.00 0.00 ? 17 GLY A O    1 
ATOM 256 H H    . GLY A 1 17 ? 0.858   4.592   3.749   1.00 0.00 ? 17 GLY A H    1 
ATOM 257 H HA2  . GLY A 1 17 ? 3.564   5.788   3.647   1.00 0.00 ? 17 GLY A HA2  1 
ATOM 258 H HA3  . GLY A 1 17 ? 2.465   6.193   2.326   1.00 0.00 ? 17 GLY A HA3  1 
ATOM 259 N N    . ARG A 1 18 ? 2.582   8.029   4.524   1.00 0.00 ? 18 ARG A N    1 
ATOM 260 C CA   . ARG A 1 18 ? 2.001   9.114   5.368   1.00 0.00 ? 18 ARG A CA   1 
ATOM 261 C C    . ARG A 1 18 ? 2.103   10.459  4.643   1.00 0.00 ? 18 ARG A C    1 
ATOM 262 O O    . ARG A 1 18 ? 3.106   10.681  3.985   1.00 0.00 ? 18 ARG A O    1 
ATOM 263 C CB   . ARG A 1 18 ? 2.849   9.125   6.640   1.00 0.00 ? 18 ARG A CB   1 
ATOM 264 C CG   . ARG A 1 18 ? 1.955   9.401   7.853   1.00 0.00 ? 18 ARG A CG   1 
ATOM 265 C CD   . ARG A 1 18 ? 2.102   8.267   8.871   1.00 0.00 ? 18 ARG A CD   1 
ATOM 266 N NE   . ARG A 1 18 ? 1.865   8.907   10.197  1.00 0.00 ? 18 ARG A NE   1 
ATOM 267 C CZ   . ARG A 1 18 ? 2.763   9.704   10.725  1.00 0.00 ? 18 ARG A CZ   1 
ATOM 268 N NH1  . ARG A 1 18 ? 3.885   9.955   10.101  1.00 0.00 ? 18 ARG A NH1  1 
ATOM 269 N NH2  . ARG A 1 18 ? 2.534   10.254  11.887  1.00 0.00 ? 18 ARG A NH2  1 
ATOM 270 O OXT  . ARG A 1 18 ? 1.176   11.244  4.758   1.00 0.00 ? 18 ARG A OXT  1 
ATOM 271 H H    . ARG A 1 18 ? 3.499   8.109   4.188   1.00 0.00 ? 18 ARG A H    1 
ATOM 272 H HA   . ARG A 1 18 ? 0.973   8.894   5.611   1.00 0.00 ? 18 ARG A HA   1 
ATOM 273 H HB2  . ARG A 1 18 ? 3.332   8.165   6.757   1.00 0.00 ? 18 ARG A HB2  1 
ATOM 274 H HB3  . ARG A 1 18 ? 3.599   9.897   6.566   1.00 0.00 ? 18 ARG A HB3  1 
ATOM 275 H HG2  . ARG A 1 18 ? 2.248   10.335  8.310   1.00 0.00 ? 18 ARG A HG2  1 
ATOM 276 H HG3  . ARG A 1 18 ? 0.924   9.465   7.536   1.00 0.00 ? 18 ARG A HG3  1 
ATOM 277 H HD2  . ARG A 1 18 ? 1.364   7.498   8.684   1.00 0.00 ? 18 ARG A HD2  1 
ATOM 278 H HD3  . ARG A 1 18 ? 3.096   7.852   8.832   1.00 0.00 ? 18 ARG A HD3  1 
ATOM 279 H HE   . ARG A 1 18 ? 1.030   8.730   10.679  1.00 0.00 ? 18 ARG A HE   1 
ATOM 280 H HH11 . ARG A 1 18 ? 4.071   9.540   9.211   1.00 0.00 ? 18 ARG A HH11 1 
ATOM 281 H HH12 . ARG A 1 18 ? 4.560   10.565  10.515  1.00 0.00 ? 18 ARG A HH12 1 
ATOM 282 H HH21 . ARG A 1 18 ? 1.678   10.065  12.369  1.00 0.00 ? 18 ARG A HH21 1 
ATOM 283 H HH22 . ARG A 1 18 ? 3.214   10.862  12.294  1.00 0.00 ? 18 ARG A HH22 1 
ATOM 284 N N    . ARG B 1 1  ? -10.679 -7.290  -4.924  1.00 0.00 ? 1  ARG B N    1 
ATOM 285 C CA   . ARG B 1 1  ? -10.560 -6.482  -6.172  1.00 0.00 ? 1  ARG B CA   1 
ATOM 286 C C    . ARG B 1 1  ? -9.531  -7.112  -7.114  1.00 0.00 ? 1  ARG B C    1 
ATOM 287 O O    . ARG B 1 1  ? -8.873  -8.076  -6.774  1.00 0.00 ? 1  ARG B O    1 
ATOM 288 C CB   . ARG B 1 1  ? -10.089 -5.102  -5.709  1.00 0.00 ? 1  ARG B CB   1 
ATOM 289 C CG   . ARG B 1 1  ? -11.210 -4.415  -4.927  1.00 0.00 ? 1  ARG B CG   1 
ATOM 290 C CD   . ARG B 1 1  ? -10.994 -4.627  -3.426  1.00 0.00 ? 1  ARG B CD   1 
ATOM 291 N NE   . ARG B 1 1  ? -11.311 -3.311  -2.799  1.00 0.00 ? 1  ARG B NE   1 
ATOM 292 C CZ   . ARG B 1 1  ? -10.988 -3.070  -1.552  1.00 0.00 ? 1  ARG B CZ   1 
ATOM 293 N NH1  . ARG B 1 1  ? -10.376 -3.976  -0.833  1.00 0.00 ? 1  ARG B NH1  1 
ATOM 294 N NH2  . ARG B 1 1  ? -11.277 -1.913  -1.022  1.00 0.00 ? 1  ARG B NH2  1 
ATOM 295 H H1   . ARG B 1 1  ? -10.808 -8.291  -5.170  1.00 0.00 ? 1  ARG B H1   1 
ATOM 296 H H2   . ARG B 1 1  ? -11.497 -6.958  -4.374  1.00 0.00 ? 1  ARG B H2   1 
ATOM 297 H H3   . ARG B 1 1  ? -9.813  -7.182  -4.358  1.00 0.00 ? 1  ARG B H3   1 
ATOM 298 H HA   . ARG B 1 1  ? -11.518 -6.399  -6.661  1.00 0.00 ? 1  ARG B HA   1 
ATOM 299 H HB2  . ARG B 1 1  ? -9.221  -5.214  -5.075  1.00 0.00 ? 1  ARG B HB2  1 
ATOM 300 H HB3  . ARG B 1 1  ? -9.831  -4.502  -6.569  1.00 0.00 ? 1  ARG B HB3  1 
ATOM 301 H HG2  . ARG B 1 1  ? -11.203 -3.356  -5.145  1.00 0.00 ? 1  ARG B HG2  1 
ATOM 302 H HG3  . ARG B 1 1  ? -12.161 -4.835  -5.215  1.00 0.00 ? 1  ARG B HG3  1 
ATOM 303 H HD2  . ARG B 1 1  ? -11.661 -5.393  -3.057  1.00 0.00 ? 1  ARG B HD2  1 
ATOM 304 H HD3  . ARG B 1 1  ? -9.967  -4.893  -3.227  1.00 0.00 ? 1  ARG B HD3  1 
ATOM 305 H HE   . ARG B 1 1  ? -11.767 -2.620  -3.324  1.00 0.00 ? 1  ARG B HE   1 
ATOM 306 H HH11 . ARG B 1 1  ? -10.150 -4.865  -1.230  1.00 0.00 ? 1  ARG B HH11 1 
ATOM 307 H HH12 . ARG B 1 1  ? -10.136 -3.779  0.118   1.00 0.00 ? 1  ARG B HH12 1 
ATOM 308 H HH21 . ARG B 1 1  ? -11.744 -1.216  -1.567  1.00 0.00 ? 1  ARG B HH21 1 
ATOM 309 H HH22 . ARG B 1 1  ? -11.034 -1.723  -0.070  1.00 0.00 ? 1  ARG B HH22 1 
ATOM 310 N N    . GLY B 1 2  ? -9.386  -6.572  -8.296  1.00 0.00 ? 2  GLY B N    1 
ATOM 311 C CA   . GLY B 1 2  ? -8.400  -7.137  -9.261  1.00 0.00 ? 2  GLY B CA   1 
ATOM 312 C C    . GLY B 1 2  ? -7.233  -6.162  -9.428  1.00 0.00 ? 2  GLY B C    1 
ATOM 313 O O    . GLY B 1 2  ? -7.359  -4.980  -9.172  1.00 0.00 ? 2  GLY B O    1 
ATOM 314 H H    . GLY B 1 2  ? -9.927  -5.794  -8.548  1.00 0.00 ? 2  GLY B H    1 
ATOM 315 H HA2  . GLY B 1 2  ? -8.032  -8.082  -8.886  1.00 0.00 ? 2  GLY B HA2  1 
ATOM 316 H HA3  . GLY B 1 2  ? -8.877  -7.288  -10.217 1.00 0.00 ? 2  GLY B HA3  1 
ATOM 317 N N    . GLY B 1 3  ? -6.098  -6.648  -9.852  1.00 0.00 ? 3  GLY B N    1 
ATOM 318 C CA   . GLY B 1 3  ? -4.921  -5.750  -10.035 1.00 0.00 ? 3  GLY B CA   1 
ATOM 319 C C    . GLY B 1 3  ? -4.429  -5.268  -8.670  1.00 0.00 ? 3  GLY B C    1 
ATOM 320 O O    . GLY B 1 3  ? -4.447  -6.000  -7.699  1.00 0.00 ? 3  GLY B O    1 
ATOM 321 H H    . GLY B 1 3  ? -6.019  -7.604  -10.051 1.00 0.00 ? 3  GLY B H    1 
ATOM 322 H HA2  . GLY B 1 3  ? -4.130  -6.292  -10.534 1.00 0.00 ? 3  GLY B HA2  1 
ATOM 323 H HA3  . GLY B 1 3  ? -5.207  -4.898  -10.632 1.00 0.00 ? 3  GLY B HA3  1 
ATOM 324 N N    . GLY B 1 4  ? -3.991  -4.039  -8.587  1.00 0.00 ? 4  GLY B N    1 
ATOM 325 C CA   . GLY B 1 4  ? -3.497  -3.508  -7.284  1.00 0.00 ? 4  GLY B CA   1 
ATOM 326 C C    . GLY B 1 4  ? -4.305  -2.266  -6.900  1.00 0.00 ? 4  GLY B C    1 
ATOM 327 O O    . GLY B 1 4  ? -4.686  -1.478  -7.742  1.00 0.00 ? 4  GLY B O    1 
ATOM 328 H H    . GLY B 1 4  ? -3.986  -3.467  -9.382  1.00 0.00 ? 4  GLY B H    1 
ATOM 329 H HA2  . GLY B 1 4  ? -3.611  -4.264  -6.521  1.00 0.00 ? 4  GLY B HA2  1 
ATOM 330 H HA3  . GLY B 1 4  ? -2.455  -3.241  -7.375  1.00 0.00 ? 4  GLY B HA3  1 
ATOM 331 N N    . LEU B 1 5  ? -4.566  -2.087  -5.632  1.00 0.00 ? 5  LEU B N    1 
ATOM 332 C CA   . LEU B 1 5  ? -5.349  -0.896  -5.191  1.00 0.00 ? 5  LEU B CA   1 
ATOM 333 C C    . LEU B 1 5  ? -4.482  0.008   -4.309  1.00 0.00 ? 5  LEU B C    1 
ATOM 334 O O    . LEU B 1 5  ? -3.601  -0.453  -3.609  1.00 0.00 ? 5  LEU B O    1 
ATOM 335 C CB   . LEU B 1 5  ? -6.522  -1.466  -4.388  1.00 0.00 ? 5  LEU B CB   1 
ATOM 336 C CG   . LEU B 1 5  ? -7.837  -1.134  -5.097  1.00 0.00 ? 5  LEU B CG   1 
ATOM 337 C CD1  . LEU B 1 5  ? -8.052  -2.105  -6.258  1.00 0.00 ? 5  LEU B CD1  1 
ATOM 338 C CD2  . LEU B 1 5  ? -8.996  -1.262  -4.105  1.00 0.00 ? 5  LEU B CD2  1 
ATOM 339 H H    . LEU B 1 5  ? -4.247  -2.736  -4.971  1.00 0.00 ? 5  LEU B H    1 
ATOM 340 H HA   . LEU B 1 5  ? -5.715  -0.349  -6.045  1.00 0.00 ? 5  LEU B HA   1 
ATOM 341 H HB2  . LEU B 1 5  ? -6.417  -2.539  -4.309  1.00 0.00 ? 5  LEU B HB2  1 
ATOM 342 H HB3  . LEU B 1 5  ? -6.529  -1.031  -3.400  1.00 0.00 ? 5  LEU B HB3  1 
ATOM 343 H HG   . LEU B 1 5  ? -7.795  -0.123  -5.476  1.00 0.00 ? 5  LEU B HG   1 
ATOM 344 H HD11 . LEU B 1 5  ? -7.096  -2.366  -6.690  1.00 0.00 ? 5  LEU B HD11 1 
ATOM 345 H HD12 . LEU B 1 5  ? -8.669  -1.637  -7.010  1.00 0.00 ? 5  LEU B HD12 1 
ATOM 346 H HD13 . LEU B 1 5  ? -8.539  -2.998  -5.895  1.00 0.00 ? 5  LEU B HD13 1 
ATOM 347 H HD21 . LEU B 1 5  ? -8.868  -0.547  -3.307  1.00 0.00 ? 5  LEU B HD21 1 
ATOM 348 H HD22 . LEU B 1 5  ? -9.010  -2.261  -3.695  1.00 0.00 ? 5  LEU B HD22 1 
ATOM 349 H HD23 . LEU B 1 5  ? -9.929  -1.069  -4.616  1.00 0.00 ? 5  LEU B HD23 1 
ATOM 350 N N    . CYS B 1 6  ? -4.726  1.290   -4.339  1.00 0.00 ? 6  CYS B N    1 
ATOM 351 C CA   . CYS B 1 6  ? -3.918  2.226   -3.505  1.00 0.00 ? 6  CYS B CA   1 
ATOM 352 C C    . CYS B 1 6  ? -4.645  3.568   -3.365  1.00 0.00 ? 6  CYS B C    1 
ATOM 353 O O    . CYS B 1 6  ? -5.077  4.154   -4.338  1.00 0.00 ? 6  CYS B O    1 
ATOM 354 C CB   . CYS B 1 6  ? -2.600  2.394   -4.267  1.00 0.00 ? 6  CYS B CB   1 
ATOM 355 S SG   . CYS B 1 6  ? -1.519  3.564   -3.400  1.00 0.00 ? 6  CYS B SG   1 
ATOM 356 H H    . CYS B 1 6  ? -5.441  1.639   -4.911  1.00 0.00 ? 6  CYS B H    1 
ATOM 357 H HA   . CYS B 1 6  ? -3.730  1.796   -2.534  1.00 0.00 ? 6  CYS B HA   1 
ATOM 358 H HB2  . CYS B 1 6  ? -2.105  1.436   -4.339  1.00 0.00 ? 6  CYS B HB2  1 
ATOM 359 H HB3  . CYS B 1 6  ? -2.807  2.764   -5.261  1.00 0.00 ? 6  CYS B HB3  1 
ATOM 360 N N    . TYR B 1 7  ? -4.785  4.054   -2.160  1.00 0.00 ? 7  TYR B N    1 
ATOM 361 C CA   . TYR B 1 7  ? -5.487  5.355   -1.952  1.00 0.00 ? 7  TYR B CA   1 
ATOM 362 C C    . TYR B 1 7  ? -5.056  5.985   -0.624  1.00 0.00 ? 7  TYR B C    1 
ATOM 363 O O    . TYR B 1 7  ? -4.710  5.297   0.317   1.00 0.00 ? 7  TYR B O    1 
ATOM 364 C CB   . TYR B 1 7  ? -6.976  4.998   -1.920  1.00 0.00 ? 7  TYR B CB   1 
ATOM 365 C CG   . TYR B 1 7  ? -7.715  5.796   -2.967  1.00 0.00 ? 7  TYR B CG   1 
ATOM 366 C CD1  . TYR B 1 7  ? -7.817  7.187   -2.846  1.00 0.00 ? 7  TYR B CD1  1 
ATOM 367 C CD2  . TYR B 1 7  ? -8.300  5.144   -4.060  1.00 0.00 ? 7  TYR B CD2  1 
ATOM 368 C CE1  . TYR B 1 7  ? -8.503  7.926   -3.818  1.00 0.00 ? 7  TYR B CE1  1 
ATOM 369 C CE2  . TYR B 1 7  ? -8.986  5.882   -5.031  1.00 0.00 ? 7  TYR B CE2  1 
ATOM 370 C CZ   . TYR B 1 7  ? -9.087  7.273   -4.910  1.00 0.00 ? 7  TYR B CZ   1 
ATOM 371 O OH   . TYR B 1 7  ? -9.765  8.001   -5.867  1.00 0.00 ? 7  TYR B OH   1 
ATOM 372 H H    . TYR B 1 7  ? -4.430  3.562   -1.390  1.00 0.00 ? 7  TYR B H    1 
ATOM 373 H HA   . TYR B 1 7  ? -5.285  6.026   -2.772  1.00 0.00 ? 7  TYR B HA   1 
ATOM 374 H HB2  . TYR B 1 7  ? -7.098  3.944   -2.119  1.00 0.00 ? 7  TYR B HB2  1 
ATOM 375 H HB3  . TYR B 1 7  ? -7.380  5.228   -0.944  1.00 0.00 ? 7  TYR B HB3  1 
ATOM 376 H HD1  . TYR B 1 7  ? -7.366  7.690   -2.004  1.00 0.00 ? 7  TYR B HD1  1 
ATOM 377 H HD2  . TYR B 1 7  ? -8.221  4.071   -4.153  1.00 0.00 ? 7  TYR B HD2  1 
ATOM 378 H HE1  . TYR B 1 7  ? -8.582  8.999   -3.724  1.00 0.00 ? 7  TYR B HE1  1 
ATOM 379 H HE2  . TYR B 1 7  ? -9.436  5.379   -5.874  1.00 0.00 ? 7  TYR B HE2  1 
ATOM 380 H HH   . TYR B 1 7  ? -9.315  7.878   -6.706  1.00 0.00 ? 7  TYR B HH   1 
ATOM 381 N N    . CYS B 1 8  ? -5.078  7.289   -0.542  1.00 0.00 ? 8  CYS B N    1 
ATOM 382 C CA   . CYS B 1 8  ? -4.676  7.969   0.726   1.00 0.00 ? 8  CYS B CA   1 
ATOM 383 C C    . CYS B 1 8  ? -5.913  8.555   1.413   1.00 0.00 ? 8  CYS B C    1 
ATOM 384 O O    . CYS B 1 8  ? -6.727  9.205   0.788   1.00 0.00 ? 8  CYS B O    1 
ATOM 385 C CB   . CYS B 1 8  ? -3.720  9.091   0.302   1.00 0.00 ? 8  CYS B CB   1 
ATOM 386 S SG   . CYS B 1 8  ? -2.425  8.444   -0.793  1.00 0.00 ? 8  CYS B SG   1 
ATOM 387 H H    . CYS B 1 8  ? -5.365  7.822   -1.313  1.00 0.00 ? 8  CYS B H    1 
ATOM 388 H HA   . CYS B 1 8  ? -4.168  7.278   1.382   1.00 0.00 ? 8  CYS B HA   1 
ATOM 389 H HB2  . CYS B 1 8  ? -4.278  9.855   -0.219  1.00 0.00 ? 8  CYS B HB2  1 
ATOM 390 H HB3  . CYS B 1 8  ? -3.264  9.522   1.181   1.00 0.00 ? 8  CYS B HB3  1 
ATOM 391 N N    . ARG B 1 9  ? -6.064  8.328   2.692   1.00 0.00 ? 9  ARG B N    1 
ATOM 392 C CA   . ARG B 1 9  ? -7.256  8.872   3.408   1.00 0.00 ? 9  ARG B CA   1 
ATOM 393 C C    . ARG B 1 9  ? -6.828  9.565   4.706   1.00 0.00 ? 9  ARG B C    1 
ATOM 394 O O    . ARG B 1 9  ? -5.807  9.248   5.286   1.00 0.00 ? 9  ARG B O    1 
ATOM 395 C CB   . ARG B 1 9  ? -8.129  7.651   3.711   1.00 0.00 ? 9  ARG B CB   1 
ATOM 396 C CG   . ARG B 1 9  ? -9.561  7.912   3.237   1.00 0.00 ? 9  ARG B CG   1 
ATOM 397 C CD   . ARG B 1 9  ? -10.145 6.629   2.640   1.00 0.00 ? 9  ARG B CD   1 
ATOM 398 N NE   . ARG B 1 9  ? -11.351 7.071   1.880   1.00 0.00 ? 9  ARG B NE   1 
ATOM 399 C CZ   . ARG B 1 9  ? -11.228 7.724   0.751   1.00 0.00 ? 9  ARG B CZ   1 
ATOM 400 N NH1  . ARG B 1 9  ? -10.046 8.002   0.262   1.00 0.00 ? 9  ARG B NH1  1 
ATOM 401 N NH2  . ARG B 1 9  ? -12.298 8.103   0.105   1.00 0.00 ? 9  ARG B NH2  1 
ATOM 402 H H    . ARG B 1 9  ? -5.399  7.797   3.177   1.00 0.00 ? 9  ARG B H    1 
ATOM 403 H HA   . ARG B 1 9  ? -7.793  9.560   2.774   1.00 0.00 ? 9  ARG B HA   1 
ATOM 404 H HB2  . ARG B 1 9  ? -7.731  6.787   3.198   1.00 0.00 ? 9  ARG B HB2  1 
ATOM 405 H HB3  . ARG B 1 9  ? -8.134  7.465   4.775   1.00 0.00 ? 9  ARG B HB3  1 
ATOM 406 H HG2  . ARG B 1 9  ? -10.166 8.227   4.074   1.00 0.00 ? 9  ARG B HG2  1 
ATOM 407 H HG3  . ARG B 1 9  ? -9.556  8.687   2.484   1.00 0.00 ? 9  ARG B HG3  1 
ATOM 408 H HD2  . ARG B 1 9  ? -9.428  6.165   1.976   1.00 0.00 ? 9  ARG B HD2  1 
ATOM 409 H HD3  . ARG B 1 9  ? -10.432 5.945   3.423   1.00 0.00 ? 9  ARG B HD3  1 
ATOM 410 H HE   . ARG B 1 9  ? -12.244 6.870   2.231   1.00 0.00 ? 9  ARG B HE   1 
ATOM 411 H HH11 . ARG B 1 9  ? -9.221  7.717   0.749   1.00 0.00 ? 9  ARG B HH11 1 
ATOM 412 H HH12 . ARG B 1 9  ? -9.968  8.501   -0.601  1.00 0.00 ? 9  ARG B HH12 1 
ATOM 413 H HH21 . ARG B 1 9  ? -13.204 7.893   0.472   1.00 0.00 ? 9  ARG B HH21 1 
ATOM 414 H HH22 . ARG B 1 9  ? -12.211 8.602   -0.757  1.00 0.00 ? 9  ARG B HH22 1 
ATOM 415 N N    . ARG B 1 10 ? -7.606  10.512  5.168   1.00 0.00 ? 10 ARG B N    1 
ATOM 416 C CA   . ARG B 1 10 ? -7.249  11.232  6.429   1.00 0.00 ? 10 ARG B CA   1 
ATOM 417 C C    . ARG B 1 10 ? -5.811  11.770  6.334   1.00 0.00 ? 10 ARG B C    1 
ATOM 418 O O    . ARG B 1 10 ? -5.450  12.410  5.365   1.00 0.00 ? 10 ARG B O    1 
ATOM 419 C CB   . ARG B 1 10 ? -7.382  10.181  7.540   1.00 0.00 ? 10 ARG B CB   1 
ATOM 420 C CG   . ARG B 1 10 ? -8.790  9.579   7.521   1.00 0.00 ? 10 ARG B CG   1 
ATOM 421 C CD   . ARG B 1 10 ? -9.800  10.614  8.022   1.00 0.00 ? 10 ARG B CD   1 
ATOM 422 N NE   . ARG B 1 10 ? -11.110 10.181  7.453   1.00 0.00 ? 10 ARG B NE   1 
ATOM 423 C CZ   . ARG B 1 10 ? -12.137 10.996  7.444   1.00 0.00 ? 10 ARG B CZ   1 
ATOM 424 N NH1  . ARG B 1 10 ? -12.036 12.204  7.937   1.00 0.00 ? 10 ARG B NH1  1 
ATOM 425 N NH2  . ARG B 1 10 ? -13.272 10.598  6.937   1.00 0.00 ? 10 ARG B NH2  1 
ATOM 426 H H    . ARG B 1 10 ? -8.424  10.752  4.684   1.00 0.00 ? 10 ARG B H    1 
ATOM 427 H HA   . ARG B 1 10 ? -7.940  12.043  6.604   1.00 0.00 ? 10 ARG B HA   1 
ATOM 428 H HB2  . ARG B 1 10 ? -6.653  9.400   7.381   1.00 0.00 ? 10 ARG B HB2  1 
ATOM 429 H HB3  . ARG B 1 10 ? -7.206  10.649  8.498   1.00 0.00 ? 10 ARG B HB3  1 
ATOM 430 H HG2  . ARG B 1 10 ? -9.043  9.287   6.512   1.00 0.00 ? 10 ARG B HG2  1 
ATOM 431 H HG3  . ARG B 1 10 ? -8.817  8.712   8.164   1.00 0.00 ? 10 ARG B HG3  1 
ATOM 432 H HD2  . ARG B 1 10 ? -9.837  10.608  9.103   1.00 0.00 ? 10 ARG B HD2  1 
ATOM 433 H HD3  . ARG B 1 10 ? -9.545  11.596  7.659   1.00 0.00 ? 10 ARG B HD3  1 
ATOM 434 H HE   . ARG B 1 10 ? -11.203 9.279   7.080   1.00 0.00 ? 10 ARG B HE   1 
ATOM 435 H HH11 . ARG B 1 10 ? -11.172 12.518  8.328   1.00 0.00 ? 10 ARG B HH11 1 
ATOM 436 H HH12 . ARG B 1 10 ? -12.828 12.815  7.924   1.00 0.00 ? 10 ARG B HH12 1 
ATOM 437 H HH21 . ARG B 1 10 ? -13.355 9.675   6.560   1.00 0.00 ? 10 ARG B HH21 1 
ATOM 438 H HH22 . ARG B 1 10 ? -14.059 11.215  6.927   1.00 0.00 ? 10 ARG B HH22 1 
ATOM 439 N N    . ARG B 1 11 ? -4.985  11.511  7.315   1.00 0.00 ? 11 ARG B N    1 
ATOM 440 C CA   . ARG B 1 11 ? -3.579  12.007  7.252   1.00 0.00 ? 11 ARG B CA   1 
ATOM 441 C C    . ARG B 1 11 ? -2.626  10.827  7.049   1.00 0.00 ? 11 ARG B C    1 
ATOM 442 O O    . ARG B 1 11 ? -1.572  10.753  7.648   1.00 0.00 ? 11 ARG B O    1 
ATOM 443 C CB   . ARG B 1 11 ? -3.330  12.674  8.606   1.00 0.00 ? 11 ARG B CB   1 
ATOM 444 C CG   . ARG B 1 11 ? -4.296  13.847  8.782   1.00 0.00 ? 11 ARG B CG   1 
ATOM 445 C CD   . ARG B 1 11 ? -4.313  14.279  10.249  1.00 0.00 ? 11 ARG B CD   1 
ATOM 446 N NE   . ARG B 1 11 ? -4.870  13.110  10.991  1.00 0.00 ? 11 ARG B NE   1 
ATOM 447 C CZ   . ARG B 1 11 ? -4.771  13.038  12.296  1.00 0.00 ? 11 ARG B CZ   1 
ATOM 448 N NH1  . ARG B 1 11 ? -4.184  13.991  12.976  1.00 0.00 ? 11 ARG B NH1  1 
ATOM 449 N NH2  . ARG B 1 11 ? -5.264  12.006  12.926  1.00 0.00 ? 11 ARG B NH2  1 
ATOM 450 H H    . ARG B 1 11 ? -5.283  10.988  8.086   1.00 0.00 ? 11 ARG B H    1 
ATOM 451 H HA   . ARG B 1 11 ? -3.467  12.727  6.457   1.00 0.00 ? 11 ARG B HA   1 
ATOM 452 H HB2  . ARG B 1 11 ? -3.487  11.955  9.396   1.00 0.00 ? 11 ARG B HB2  1 
ATOM 453 H HB3  . ARG B 1 11 ? -2.314  13.038  8.646   1.00 0.00 ? 11 ARG B HB3  1 
ATOM 454 H HG2  . ARG B 1 11 ? -3.974  14.674  8.166   1.00 0.00 ? 11 ARG B HG2  1 
ATOM 455 H HG3  . ARG B 1 11 ? -5.289  13.543  8.487   1.00 0.00 ? 11 ARG B HG3  1 
ATOM 456 H HD2  . ARG B 1 11 ? -3.310  14.499  10.587  1.00 0.00 ? 11 ARG B HD2  1 
ATOM 457 H HD3  . ARG B 1 11 ? -4.954  15.138  10.382  1.00 0.00 ? 11 ARG B HD3  1 
ATOM 458 H HE   . ARG B 1 11 ? -5.313  12.387  10.498  1.00 0.00 ? 11 ARG B HE   1 
ATOM 459 H HH11 . ARG B 1 11 ? -3.804  14.785  12.502  1.00 0.00 ? 11 ARG B HH11 1 
ATOM 460 H HH12 . ARG B 1 11 ? -4.116  13.925  13.971  1.00 0.00 ? 11 ARG B HH12 1 
ATOM 461 H HH21 . ARG B 1 11 ? -5.714  11.276  12.413  1.00 0.00 ? 11 ARG B HH21 1 
ATOM 462 H HH22 . ARG B 1 11 ? -5.192  11.948  13.922  1.00 0.00 ? 11 ARG B HH22 1 
ATOM 463 N N    . PHE B 1 12 ? -2.996  9.906   6.200   1.00 0.00 ? 12 PHE B N    1 
ATOM 464 C CA   . PHE B 1 12 ? -2.125  8.724   5.941   1.00 0.00 ? 12 PHE B CA   1 
ATOM 465 C C    . PHE B 1 12 ? -2.635  7.969   4.707   1.00 0.00 ? 12 PHE B C    1 
ATOM 466 O O    . PHE B 1 12 ? -3.824  7.900   4.459   1.00 0.00 ? 12 PHE B O    1 
ATOM 467 C CB   . PHE B 1 12 ? -2.221  7.873   7.219   1.00 0.00 ? 12 PHE B CB   1 
ATOM 468 C CG   . PHE B 1 12 ? -3.143  6.691   7.011   1.00 0.00 ? 12 PHE B CG   1 
ATOM 469 C CD1  . PHE B 1 12 ? -4.527  6.888   6.932   1.00 0.00 ? 12 PHE B CD1  1 
ATOM 470 C CD2  . PHE B 1 12 ? -2.612  5.400   6.897   1.00 0.00 ? 12 PHE B CD2  1 
ATOM 471 C CE1  . PHE B 1 12 ? -5.379  5.795   6.739   1.00 0.00 ? 12 PHE B CE1  1 
ATOM 472 C CE2  . PHE B 1 12 ? -3.465  4.307   6.705   1.00 0.00 ? 12 PHE B CE2  1 
ATOM 473 C CZ   . PHE B 1 12 ? -4.848  4.504   6.626   1.00 0.00 ? 12 PHE B CZ   1 
ATOM 474 H H    . PHE B 1 12 ? -3.851  9.993   5.729   1.00 0.00 ? 12 PHE B H    1 
ATOM 475 H HA   . PHE B 1 12 ? -1.106  9.042   5.787   1.00 0.00 ? 12 PHE B HA   1 
ATOM 476 H HB2  . PHE B 1 12 ? -1.237  7.513   7.480   1.00 0.00 ? 12 PHE B HB2  1 
ATOM 477 H HB3  . PHE B 1 12 ? -2.601  8.483   8.025   1.00 0.00 ? 12 PHE B HB3  1 
ATOM 478 H HD1  . PHE B 1 12 ? -4.936  7.883   7.018   1.00 0.00 ? 12 PHE B HD1  1 
ATOM 479 H HD2  . PHE B 1 12 ? -1.544  5.249   6.958   1.00 0.00 ? 12 PHE B HD2  1 
ATOM 480 H HE1  . PHE B 1 12 ? -6.447  5.946   6.678   1.00 0.00 ? 12 PHE B HE1  1 
ATOM 481 H HE2  . PHE B 1 12 ? -3.055  3.311   6.618   1.00 0.00 ? 12 PHE B HE2  1 
ATOM 482 H HZ   . PHE B 1 12 ? -5.506  3.661   6.478   1.00 0.00 ? 12 PHE B HZ   1 
ATOM 483 N N    . CYS B 1 13 ? -1.749  7.404   3.931   1.00 0.00 ? 13 CYS B N    1 
ATOM 484 C CA   . CYS B 1 13 ? -2.191  6.658   2.717   1.00 0.00 ? 13 CYS B CA   1 
ATOM 485 C C    . CYS B 1 13 ? -2.113  5.149   2.961   1.00 0.00 ? 13 CYS B C    1 
ATOM 486 O O    . CYS B 1 13 ? -1.222  4.663   3.629   1.00 0.00 ? 13 CYS B O    1 
ATOM 487 C CB   . CYS B 1 13 ? -1.214  7.075   1.619   1.00 0.00 ? 13 CYS B CB   1 
ATOM 488 S SG   . CYS B 1 13 ? -1.918  6.659   0.005   1.00 0.00 ? 13 CYS B SG   1 
ATOM 489 H H    . CYS B 1 13 ? -0.796  7.470   4.146   1.00 0.00 ? 13 CYS B H    1 
ATOM 490 H HA   . CYS B 1 13 ? -3.196  6.945   2.443   1.00 0.00 ? 13 CYS B HA   1 
ATOM 491 H HB2  . CYS B 1 13 ? -1.042  8.139   1.674   1.00 0.00 ? 13 CYS B HB2  1 
ATOM 492 H HB3  . CYS B 1 13 ? -0.279  6.550   1.750   1.00 0.00 ? 13 CYS B HB3  1 
ATOM 493 N N    . VAL B 1 14 ? -3.039  4.407   2.418   1.00 0.00 ? 14 VAL B N    1 
ATOM 494 C CA   . VAL B 1 14 ? -3.023  2.927   2.608   1.00 0.00 ? 14 VAL B CA   1 
ATOM 495 C C    . VAL B 1 14 ? -3.248  2.226   1.265   1.00 0.00 ? 14 VAL B C    1 
ATOM 496 O O    . VAL B 1 14 ? -4.237  2.450   0.596   1.00 0.00 ? 14 VAL B O    1 
ATOM 497 C CB   . VAL B 1 14 ? -4.173  2.635   3.577   1.00 0.00 ? 14 VAL B CB   1 
ATOM 498 C CG1  . VAL B 1 14 ? -5.506  3.053   2.949   1.00 0.00 ? 14 VAL B CG1  1 
ATOM 499 C CG2  . VAL B 1 14 ? -4.207  1.137   3.887   1.00 0.00 ? 14 VAL B CG2  1 
ATOM 500 H H    . VAL B 1 14 ? -3.744  4.822   1.880   1.00 0.00 ? 14 VAL B H    1 
ATOM 501 H HA   . VAL B 1 14 ? -2.087  2.615   3.043   1.00 0.00 ? 14 VAL B HA   1 
ATOM 502 H HB   . VAL B 1 14 ? -4.019  3.189   4.492   1.00 0.00 ? 14 VAL B HB   1 
ATOM 503 H HG11 . VAL B 1 14 ? -6.266  3.097   3.715   1.00 0.00 ? 14 VAL B HG11 1 
ATOM 504 H HG12 . VAL B 1 14 ? -5.793  2.332   2.198   1.00 0.00 ? 14 VAL B HG12 1 
ATOM 505 H HG13 . VAL B 1 14 ? -5.401  4.026   2.492   1.00 0.00 ? 14 VAL B HG13 1 
ATOM 506 H HG21 . VAL B 1 14 ? -4.426  0.587   2.984   1.00 0.00 ? 14 VAL B HG21 1 
ATOM 507 H HG22 . VAL B 1 14 ? -4.971  0.939   4.624   1.00 0.00 ? 14 VAL B HG22 1 
ATOM 508 H HG23 . VAL B 1 14 ? -3.247  0.827   4.273   1.00 0.00 ? 14 VAL B HG23 1 
ATOM 509 N N    . CYS B 1 15 ? -2.334  1.383   0.865   1.00 0.00 ? 15 CYS B N    1 
ATOM 510 C CA   . CYS B 1 15 ? -2.494  0.673   -0.439  1.00 0.00 ? 15 CYS B CA   1 
ATOM 511 C C    . CYS B 1 15 ? -2.216  -0.822  -0.263  1.00 0.00 ? 15 CYS B C    1 
ATOM 512 O O    . CYS B 1 15 ? -1.359  -1.217  0.504   1.00 0.00 ? 15 CYS B O    1 
ATOM 513 C CB   . CYS B 1 15 ? -1.458  1.310   -1.371  1.00 0.00 ? 15 CYS B CB   1 
ATOM 514 S SG   . CYS B 1 15 ? -1.719  3.101   -1.443  1.00 0.00 ? 15 CYS B SG   1 
ATOM 515 H H    . CYS B 1 15 ? -1.541  1.220   1.417   1.00 0.00 ? 15 CYS B H    1 
ATOM 516 H HA   . CYS B 1 15 ? -3.486  0.828   -0.831  1.00 0.00 ? 15 CYS B HA   1 
ATOM 517 H HB2  . CYS B 1 15 ? -0.465  1.105   -0.996  1.00 0.00 ? 15 CYS B HB2  1 
ATOM 518 H HB3  . CYS B 1 15 ? -1.560  0.891   -2.361  1.00 0.00 ? 15 CYS B HB3  1 
ATOM 519 N N    . VAL B 1 16 ? -2.937  -1.655  -0.966  1.00 0.00 ? 16 VAL B N    1 
ATOM 520 C CA   . VAL B 1 16 ? -2.717  -3.126  -0.839  1.00 0.00 ? 16 VAL B CA   1 
ATOM 521 C C    . VAL B 1 16 ? -2.694  -3.781  -2.223  1.00 0.00 ? 16 VAL B C    1 
ATOM 522 O O    . VAL B 1 16 ? -3.357  -3.338  -3.141  1.00 0.00 ? 16 VAL B O    1 
ATOM 523 C CB   . VAL B 1 16 ? -3.906  -3.636  -0.020  1.00 0.00 ? 16 VAL B CB   1 
ATOM 524 C CG1  . VAL B 1 16 ? -3.887  -2.986  1.364   1.00 0.00 ? 16 VAL B CG1  1 
ATOM 525 C CG2  . VAL B 1 16 ? -5.214  -3.278  -0.732  1.00 0.00 ? 16 VAL B CG2  1 
ATOM 526 H H    . VAL B 1 16 ? -3.623  -1.313  -1.576  1.00 0.00 ? 16 VAL B H    1 
ATOM 527 H HA   . VAL B 1 16 ? -1.797  -3.324  -0.314  1.00 0.00 ? 16 VAL B HA   1 
ATOM 528 H HB   . VAL B 1 16 ? -3.832  -4.710  0.086   1.00 0.00 ? 16 VAL B HB   1 
ATOM 529 H HG11 . VAL B 1 16 ? -4.150  -1.943  1.275   1.00 0.00 ? 16 VAL B HG11 1 
ATOM 530 H HG12 . VAL B 1 16 ? -2.900  -3.075  1.791   1.00 0.00 ? 16 VAL B HG12 1 
ATOM 531 H HG13 . VAL B 1 16 ? -4.602  -3.483  2.005   1.00 0.00 ? 16 VAL B HG13 1 
ATOM 532 H HG21 . VAL B 1 16 ? -5.381  -2.214  -0.664  1.00 0.00 ? 16 VAL B HG21 1 
ATOM 533 H HG22 . VAL B 1 16 ? -6.034  -3.803  -0.263  1.00 0.00 ? 16 VAL B HG22 1 
ATOM 534 H HG23 . VAL B 1 16 ? -5.149  -3.567  -1.770  1.00 0.00 ? 16 VAL B HG23 1 
ATOM 535 N N    . GLY B 1 17 ? -1.937  -4.835  -2.377  1.00 0.00 ? 17 GLY B N    1 
ATOM 536 C CA   . GLY B 1 17 ? -1.869  -5.522  -3.698  1.00 0.00 ? 17 GLY B CA   1 
ATOM 537 C C    . GLY B 1 17 ? -2.076  -7.025  -3.503  1.00 0.00 ? 17 GLY B C    1 
ATOM 538 O O    . GLY B 1 17 ? -1.744  -7.577  -2.473  1.00 0.00 ? 17 GLY B O    1 
ATOM 539 H H    . GLY B 1 17 ? -1.412  -5.174  -1.623  1.00 0.00 ? 17 GLY B H    1 
ATOM 540 H HA2  . GLY B 1 17 ? -2.640  -5.130  -4.347  1.00 0.00 ? 17 GLY B HA2  1 
ATOM 541 H HA3  . GLY B 1 17 ? -0.901  -5.351  -4.144  1.00 0.00 ? 17 GLY B HA3  1 
ATOM 542 N N    . ARG B 1 18 ? -2.624  -7.689  -4.485  1.00 0.00 ? 18 ARG B N    1 
ATOM 543 C CA   . ARG B 1 18 ? -2.855  -9.157  -4.358  1.00 0.00 ? 18 ARG B CA   1 
ATOM 544 C C    . ARG B 1 18 ? -2.612  -9.850  -5.702  1.00 0.00 ? 18 ARG B C    1 
ATOM 545 O O    . ARG B 1 18 ? -3.501  -9.811  -6.536  1.00 0.00 ? 18 ARG B O    1 
ATOM 546 C CB   . ARG B 1 18 ? -4.321  -9.293  -3.942  1.00 0.00 ? 18 ARG B CB   1 
ATOM 547 C CG   . ARG B 1 18 ? -4.544  -10.659 -3.289  1.00 0.00 ? 18 ARG B CG   1 
ATOM 548 C CD   . ARG B 1 18 ? -6.031  -10.842 -2.977  1.00 0.00 ? 18 ARG B CD   1 
ATOM 549 N NE   . ARG B 1 18 ? -6.073  -11.349 -1.575  1.00 0.00 ? 18 ARG B NE   1 
ATOM 550 C CZ   . ARG B 1 18 ? -5.726  -12.583 -1.298  1.00 0.00 ? 18 ARG B CZ   1 
ATOM 551 N NH1  . ARG B 1 18 ? -5.334  -13.397 -2.244  1.00 0.00 ? 18 ARG B NH1  1 
ATOM 552 N NH2  . ARG B 1 18 ? -5.772  -13.003 -0.063  1.00 0.00 ? 18 ARG B NH2  1 
ATOM 553 O OXT  . ARG B 1 18 ? -1.539  -10.406 -5.874  1.00 0.00 ? 18 ARG B OXT  1 
ATOM 554 H H    . ARG B 1 18 ? -2.885  -7.223  -5.307  1.00 0.00 ? 18 ARG B H    1 
ATOM 555 H HA   . ARG B 1 18 ? -2.216  -9.575  -3.597  1.00 0.00 ? 18 ARG B HA   1 
ATOM 556 H HB2  . ARG B 1 18 ? -4.568  -8.512  -3.238  1.00 0.00 ? 18 ARG B HB2  1 
ATOM 557 H HB3  . ARG B 1 18 ? -4.951  -9.207  -4.814  1.00 0.00 ? 18 ARG B HB3  1 
ATOM 558 H HG2  . ARG B 1 18 ? -4.217  -11.437 -3.963  1.00 0.00 ? 18 ARG B HG2  1 
ATOM 559 H HG3  . ARG B 1 18 ? -3.976  -10.715 -2.372  1.00 0.00 ? 18 ARG B HG3  1 
ATOM 560 H HD2  . ARG B 1 18 ? -6.550  -9.896  -3.053  1.00 0.00 ? 18 ARG B HD2  1 
ATOM 561 H HD3  . ARG B 1 18 ? -6.470  -11.567 -3.646  1.00 0.00 ? 18 ARG B HD3  1 
ATOM 562 H HE   . ARG B 1 18 ? -6.364  -10.752 -0.853  1.00 0.00 ? 18 ARG B HE   1 
ATOM 563 H HH11 . ARG B 1 18 ? -5.295  -13.084 -3.193  1.00 0.00 ? 18 ARG B HH11 1 
ATOM 564 H HH12 . ARG B 1 18 ? -5.073  -14.335 -2.019  1.00 0.00 ? 18 ARG B HH12 1 
ATOM 565 H HH21 . ARG B 1 18 ? -6.069  -12.386 0.665   1.00 0.00 ? 18 ARG B HH21 1 
ATOM 566 H HH22 . ARG B 1 18 ? -5.508  -13.943 0.155   1.00 0.00 ? 18 ARG B HH22 1 
# 
